data_4CQ8
#
_entry.id   4CQ8
#
_cell.length_a   147.820
_cell.length_b   69.130
_cell.length_c   103.850
_cell.angle_alpha   90.00
_cell.angle_beta   103.84
_cell.angle_gamma   90.00
#
_symmetry.space_group_name_H-M   'C 1 2 1'
#
loop_
_entity.id
_entity.type
_entity.pdbx_description
1 polymer 'DIHYDROOROTATE DEHYDROGENASE'
2 non-polymer 'FLAVIN MONONUCLEOTIDE'
3 non-polymer 'OROTIC ACID'
4 non-polymer 5-(4-cyano-2-methyl-1H-benzimidazol-1-yl)-N-cyclopropylthiophene-2-carboxamide
5 water water
#
_entity_poly.entity_id   1
_entity_poly.type   'polypeptide(L)'
_entity_poly.pdbx_seq_one_letter_code
;MGHHHHHHAENLYFQGADPFESYNPEFFLYDIFLKFCLKYIDGEICHDLFLLLGKYNILPYDTSNDSIYACTNIKHLDFI
NPFGVAAGFDKNGVCIDSILKLGFSFIEIGTITPRGQTGNAKPRIFRDVESRSIINSCGFNNMGCDKVTENLILFRKRQE
EDKLLSKHIVGVSIGKNKDTVNIVDDLKYCINKIGRYADYIAINVSSPNTPGLRDNQEAGKLKNIILSVKEEIDNLEKNN
IMNDEFLWFNTTKKKPLVFVKLAPDLNQEQKKEIADVLLETNIDGMIISNTTTQINDIKSFENKKGGVSGAKLKDISTKF
ICEMYNYTNKQIPIIASGGIFSGLDALEKIEAGASVCQLYSCLVFNGMKSAVQIKRELNHLLYQRGYYNLKEAIGRKHSK
S
;
_entity_poly.pdbx_strand_id   A,B
#
loop_
_chem_comp.id
_chem_comp.type
_chem_comp.name
_chem_comp.formula
FMN non-polymer 'FLAVIN MONONUCLEOTIDE' 'C17 H21 N4 O9 P'
JBW non-polymer 5-(4-cyano-2-methyl-1H-benzimidazol-1-yl)-N-cyclopropylthiophene-2-carboxamide 'C17 H14 N4 O S'
ORO non-polymer 'OROTIC ACID' 'C5 H4 N2 O4'
#
# COMPACT_ATOMS: atom_id res chain seq x y z
N ALA A 17 27.46 -17.15 -8.38
CA ALA A 17 27.65 -15.70 -8.36
C ALA A 17 29.10 -15.33 -8.62
N ASP A 18 29.34 -14.51 -9.65
CA ASP A 18 30.69 -14.09 -10.09
C ASP A 18 31.36 -13.15 -9.06
N PRO A 19 32.66 -13.36 -8.73
CA PRO A 19 33.33 -12.49 -7.73
C PRO A 19 33.55 -11.02 -8.13
N PHE A 20 33.50 -10.71 -9.44
CA PHE A 20 33.73 -9.35 -9.95
C PHE A 20 32.46 -8.70 -10.54
N GLU A 21 31.28 -9.18 -10.12
CA GLU A 21 29.97 -8.63 -10.52
C GLU A 21 29.43 -7.77 -9.37
N SER A 22 28.99 -6.54 -9.68
CA SER A 22 28.49 -5.57 -8.68
C SER A 22 27.25 -6.05 -7.88
N TYR A 23 26.43 -6.97 -8.44
CA TYR A 23 25.25 -7.46 -7.72
C TYR A 23 25.61 -8.45 -6.59
N ASN A 24 26.84 -9.00 -6.65
CA ASN A 24 27.35 -9.96 -5.66
C ASN A 24 27.73 -9.25 -4.35
N PRO A 25 27.16 -9.63 -3.17
CA PRO A 25 27.57 -8.97 -1.91
C PRO A 25 29.05 -9.14 -1.54
N GLU A 26 29.72 -10.18 -2.10
CA GLU A 26 31.12 -10.49 -1.87
C GLU A 26 32.10 -9.73 -2.77
N PHE A 27 31.58 -8.89 -3.70
CA PHE A 27 32.33 -8.04 -4.61
C PHE A 27 33.33 -7.19 -3.79
N PHE A 28 34.63 -7.30 -4.12
CA PHE A 28 35.76 -6.68 -3.43
C PHE A 28 35.60 -5.17 -3.13
N LEU A 29 34.96 -4.40 -4.03
CA LEU A 29 34.80 -2.95 -3.84
C LEU A 29 34.03 -2.58 -2.57
N TYR A 30 33.09 -3.44 -2.12
CA TYR A 30 32.31 -3.19 -0.90
C TYR A 30 33.17 -3.16 0.35
N ASP A 31 34.16 -4.06 0.43
CA ASP A 31 35.09 -4.11 1.56
C ASP A 31 36.05 -2.92 1.54
N ILE A 32 36.42 -2.44 0.33
CA ILE A 32 37.28 -1.26 0.19
C ILE A 32 36.49 -0.02 0.64
N PHE A 33 35.26 0.18 0.12
CA PHE A 33 34.42 1.31 0.50
C PHE A 33 34.17 1.34 2.01
N LEU A 34 33.84 0.16 2.61
CA LEU A 34 33.57 0.02 4.04
C LEU A 34 34.79 0.34 4.91
N LYS A 35 35.96 -0.24 4.58
CA LYS A 35 37.24 -0.02 5.28
C LYS A 35 37.56 1.50 5.33
N PHE A 36 37.30 2.21 4.22
CA PHE A 36 37.50 3.65 4.10
C PHE A 36 36.54 4.41 5.03
N CYS A 37 35.23 4.07 4.98
CA CYS A 37 34.20 4.68 5.80
C CYS A 37 34.44 4.45 7.31
N LEU A 38 34.84 3.20 7.69
CA LEU A 38 35.18 2.82 9.06
C LEU A 38 36.37 3.65 9.58
N LYS A 39 37.33 3.95 8.71
CA LYS A 39 38.50 4.75 9.07
C LYS A 39 38.25 6.27 9.19
N TYR A 40 37.54 6.88 8.23
CA TYR A 40 37.46 8.35 8.15
C TYR A 40 36.09 9.01 8.36
N ILE A 41 34.98 8.25 8.35
CA ILE A 41 33.67 8.88 8.47
C ILE A 41 32.99 8.57 9.80
N ASP A 42 32.29 9.55 10.38
CA ASP A 42 31.51 9.41 11.61
C ASP A 42 30.57 8.19 11.49
N GLY A 43 30.49 7.39 12.56
CA GLY A 43 29.66 6.17 12.64
C GLY A 43 28.21 6.28 12.17
N GLU A 44 27.46 7.24 12.72
CA GLU A 44 26.06 7.44 12.35
C GLU A 44 25.89 7.96 10.89
N ILE A 45 26.89 8.73 10.37
CA ILE A 45 26.86 9.17 8.95
C ILE A 45 26.98 7.93 8.03
N CYS A 46 27.91 6.99 8.34
CA CYS A 46 28.09 5.72 7.64
C CYS A 46 26.77 4.94 7.60
N HIS A 47 26.15 4.81 8.79
CA HIS A 47 24.90 4.07 8.94
C HIS A 47 23.78 4.69 8.07
N ASP A 48 23.63 6.03 8.12
CA ASP A 48 22.62 6.74 7.32
C ASP A 48 22.92 6.68 5.81
N LEU A 49 24.20 6.63 5.43
CA LEU A 49 24.61 6.45 4.03
C LEU A 49 24.19 5.04 3.55
N PHE A 50 24.43 3.99 4.36
CA PHE A 50 24.02 2.62 4.05
C PHE A 50 22.49 2.57 3.83
N LEU A 51 21.72 3.17 4.77
CA LEU A 51 20.25 3.21 4.70
C LEU A 51 19.76 3.92 3.44
N LEU A 52 20.49 4.97 3.01
CA LEU A 52 20.17 5.73 1.79
C LEU A 52 20.37 4.84 0.55
N LEU A 53 21.48 4.08 0.48
CA LEU A 53 21.75 3.14 -0.61
C LEU A 53 20.63 2.07 -0.64
N GLY A 54 20.21 1.63 0.54
CA GLY A 54 19.14 0.67 0.71
C GLY A 54 17.81 1.20 0.22
N LYS A 55 17.49 2.45 0.61
CA LYS A 55 16.26 3.17 0.24
C LYS A 55 16.11 3.27 -1.27
N TYR A 56 17.21 3.58 -2.00
CA TYR A 56 17.17 3.71 -3.45
C TYR A 56 17.43 2.39 -4.19
N ASN A 57 17.42 1.26 -3.44
CA ASN A 57 17.58 -0.12 -3.91
C ASN A 57 18.83 -0.35 -4.77
N ILE A 58 19.98 0.18 -4.33
CA ILE A 58 21.30 0.09 -5.01
C ILE A 58 22.23 -0.94 -4.33
N LEU A 59 21.74 -1.63 -3.31
CA LEU A 59 22.55 -2.61 -2.58
C LEU A 59 22.73 -3.91 -3.38
N PRO A 60 23.85 -4.65 -3.15
CA PRO A 60 23.99 -5.96 -3.80
C PRO A 60 22.98 -6.95 -3.18
N TYR A 61 22.79 -8.12 -3.81
CA TYR A 61 21.81 -9.07 -3.32
C TYR A 61 22.28 -10.52 -3.45
N ASP A 62 21.86 -11.37 -2.49
CA ASP A 62 22.18 -12.79 -2.48
C ASP A 62 21.32 -13.52 -3.51
N THR A 63 21.97 -14.29 -4.39
CA THR A 63 21.31 -15.03 -5.47
C THR A 63 21.33 -16.55 -5.22
N SER A 64 21.86 -16.99 -4.06
CA SER A 64 21.97 -18.40 -3.72
C SER A 64 20.76 -18.91 -2.97
N ASN A 65 20.36 -20.16 -3.25
CA ASN A 65 19.25 -20.80 -2.56
C ASN A 65 19.78 -21.27 -1.21
N ASP A 66 19.08 -20.93 -0.13
CA ASP A 66 19.47 -21.32 1.21
C ASP A 66 19.29 -22.82 1.43
N SER A 67 20.21 -23.45 2.20
CA SER A 67 20.17 -24.86 2.50
C SER A 67 18.96 -25.21 3.36
N ILE A 68 18.22 -26.26 2.98
CA ILE A 68 17.05 -26.73 3.74
C ILE A 68 17.46 -27.24 5.14
N TYR A 69 18.72 -27.68 5.29
CA TYR A 69 19.27 -28.20 6.55
C TYR A 69 19.63 -27.11 7.56
N ALA A 70 19.61 -25.83 7.17
CA ALA A 70 19.91 -24.73 8.06
C ALA A 70 18.65 -23.90 8.37
N CYS A 71 17.46 -24.39 7.95
CA CYS A 71 16.21 -23.72 8.25
C CYS A 71 15.89 -23.92 9.74
N THR A 72 15.09 -23.02 10.31
CA THR A 72 14.77 -23.09 11.73
C THR A 72 13.38 -22.52 11.99
N ASN A 73 12.89 -22.69 13.22
CA ASN A 73 11.56 -22.20 13.55
C ASN A 73 11.43 -21.82 15.01
N ILE A 74 10.51 -20.88 15.31
CA ILE A 74 10.08 -20.50 16.65
C ILE A 74 8.56 -20.57 16.54
N LYS A 75 7.96 -21.62 17.14
CA LYS A 75 6.52 -21.89 17.04
C LYS A 75 6.20 -21.99 15.53
N HIS A 76 5.21 -21.24 15.03
CA HIS A 76 4.82 -21.24 13.61
C HIS A 76 5.73 -20.32 12.73
N LEU A 77 6.65 -19.55 13.34
CA LEU A 77 7.60 -18.70 12.59
C LEU A 77 8.61 -19.63 11.88
N ASP A 78 8.54 -19.74 10.54
CA ASP A 78 9.43 -20.59 9.74
C ASP A 78 10.54 -19.79 9.07
N PHE A 79 11.73 -19.75 9.69
CA PHE A 79 12.85 -18.97 9.17
C PHE A 79 13.53 -19.76 8.04
N ILE A 80 13.70 -19.13 6.86
CA ILE A 80 14.31 -19.79 5.68
C ILE A 80 15.81 -20.08 5.90
N ASN A 81 16.45 -19.32 6.81
CA ASN A 81 17.85 -19.50 7.22
C ASN A 81 17.97 -18.96 8.67
N PRO A 82 19.04 -19.24 9.44
CA PRO A 82 19.05 -18.82 10.86
C PRO A 82 19.57 -17.41 11.15
N PHE A 83 19.67 -16.53 10.14
CA PHE A 83 20.21 -15.19 10.33
C PHE A 83 19.28 -14.07 9.97
N GLY A 84 19.12 -13.19 10.92
CA GLY A 84 18.36 -11.96 10.77
C GLY A 84 19.16 -10.76 11.21
N VAL A 85 18.59 -9.59 10.99
CA VAL A 85 19.16 -8.32 11.40
C VAL A 85 18.46 -7.87 12.69
N ALA A 86 19.26 -7.63 13.74
CA ALA A 86 18.79 -7.19 15.05
C ALA A 86 18.10 -5.80 14.99
N ALA A 87 17.31 -5.45 16.03
CA ALA A 87 16.65 -4.16 16.16
C ALA A 87 17.71 -3.04 16.21
N GLY A 88 17.30 -1.85 15.82
CA GLY A 88 18.18 -0.69 15.83
C GLY A 88 18.99 -0.48 14.59
N PHE A 89 18.83 -1.37 13.57
CA PHE A 89 19.61 -1.23 12.33
C PHE A 89 18.76 -0.43 11.35
N ASP A 90 17.54 -0.91 11.08
CA ASP A 90 16.56 -0.17 10.29
C ASP A 90 15.45 0.20 11.29
N LYS A 91 15.74 1.21 12.15
CA LYS A 91 14.82 1.71 13.18
CA LYS A 91 14.82 1.72 13.18
C LYS A 91 13.43 2.10 12.64
N ASN A 92 13.38 2.71 11.43
CA ASN A 92 12.17 3.22 10.81
C ASN A 92 11.55 2.38 9.68
N GLY A 93 12.13 1.20 9.40
CA GLY A 93 11.63 0.32 8.34
C GLY A 93 11.67 0.99 6.98
N VAL A 94 12.75 1.77 6.70
CA VAL A 94 12.92 2.53 5.45
C VAL A 94 13.53 1.68 4.31
N CYS A 95 14.22 0.58 4.60
CA CYS A 95 14.77 -0.29 3.56
C CYS A 95 14.80 -1.76 3.99
N ILE A 96 13.62 -2.28 4.36
CA ILE A 96 13.42 -3.66 4.79
C ILE A 96 13.81 -4.60 3.62
N ASP A 97 13.26 -4.35 2.41
CA ASP A 97 13.49 -5.17 1.20
C ASP A 97 14.97 -5.33 0.89
N SER A 98 15.72 -4.21 0.83
CA SER A 98 17.15 -4.20 0.51
C SER A 98 18.01 -4.93 1.53
N ILE A 99 17.72 -4.76 2.83
CA ILE A 99 18.48 -5.45 3.88
C ILE A 99 18.23 -6.96 3.82
N LEU A 100 16.95 -7.38 3.69
CA LEU A 100 16.57 -8.78 3.59
C LEU A 100 17.23 -9.45 2.38
N LYS A 101 17.26 -8.75 1.23
CA LYS A 101 17.82 -9.29 -0.02
C LYS A 101 19.36 -9.49 0.03
N LEU A 102 20.05 -9.01 1.11
CA LEU A 102 21.48 -9.30 1.34
C LEU A 102 21.68 -10.79 1.73
N GLY A 103 20.60 -11.48 2.11
CA GLY A 103 20.63 -12.90 2.46
C GLY A 103 20.09 -13.26 3.83
N PHE A 104 19.46 -12.31 4.52
CA PHE A 104 18.89 -12.52 5.84
C PHE A 104 17.45 -13.05 5.71
N SER A 105 17.03 -13.88 6.67
CA SER A 105 15.69 -14.48 6.68
C SER A 105 14.66 -13.57 7.33
N PHE A 106 15.12 -12.66 8.21
CA PHE A 106 14.23 -11.75 8.95
C PHE A 106 14.94 -10.46 9.38
N ILE A 107 14.15 -9.48 9.83
CA ILE A 107 14.62 -8.22 10.36
C ILE A 107 13.66 -7.79 11.48
N GLU A 108 14.22 -7.20 12.54
CA GLU A 108 13.46 -6.63 13.64
C GLU A 108 13.59 -5.11 13.44
N ILE A 109 12.48 -4.45 13.03
CA ILE A 109 12.48 -2.99 12.85
C ILE A 109 12.26 -2.33 14.22
N GLY A 110 12.50 -1.04 14.32
CA GLY A 110 12.44 -0.37 15.60
C GLY A 110 13.82 -0.38 16.28
N THR A 111 13.93 -0.11 17.61
CA THR A 111 12.78 0.12 18.50
C THR A 111 11.97 1.40 18.14
N ILE A 112 10.65 1.26 18.07
CA ILE A 112 9.74 2.38 17.79
C ILE A 112 9.08 2.81 19.09
N THR A 113 8.65 4.09 19.14
CA THR A 113 7.95 4.68 20.28
C THR A 113 6.68 5.38 19.73
N PRO A 114 5.62 5.63 20.55
CA PRO A 114 4.40 6.26 20.01
C PRO A 114 4.65 7.56 19.25
N ARG A 115 5.40 8.50 19.85
CA ARG A 115 5.75 9.76 19.18
C ARG A 115 7.16 9.59 18.67
N GLY A 116 7.52 10.34 17.64
CA GLY A 116 8.89 10.33 17.15
C GLY A 116 9.81 11.00 18.18
N GLN A 117 11.11 10.73 18.09
CA GLN A 117 12.10 11.29 19.00
C GLN A 117 13.39 11.47 18.21
N THR A 118 14.15 12.54 18.50
CA THR A 118 15.46 12.72 17.86
C THR A 118 16.54 11.94 18.59
N GLY A 119 16.29 11.58 19.85
CA GLY A 119 17.21 10.84 20.69
C GLY A 119 18.25 11.73 21.36
N ASN A 120 19.30 11.11 21.91
CA ASN A 120 20.35 11.81 22.65
C ASN A 120 21.26 12.65 21.78
N ALA A 121 22.04 13.56 22.41
CA ALA A 121 23.00 14.42 21.72
C ALA A 121 24.02 13.62 20.89
N LYS A 122 24.28 14.09 19.65
CA LYS A 122 25.26 13.54 18.71
C LYS A 122 26.64 14.20 18.97
N PRO A 123 27.80 13.54 18.69
CA PRO A 123 27.96 12.17 18.18
C PRO A 123 27.61 11.15 19.26
N ARG A 124 26.89 10.10 18.87
CA ARG A 124 26.44 9.12 19.86
C ARG A 124 26.71 7.69 19.45
N ILE A 125 27.43 7.47 18.33
CA ILE A 125 27.79 6.13 17.84
C ILE A 125 29.30 6.12 17.56
N PHE A 126 30.04 5.14 18.16
CA PHE A 126 31.49 5.02 18.01
C PHE A 126 31.87 3.56 17.80
N ARG A 127 32.75 3.31 16.83
CA ARG A 127 33.20 1.96 16.49
C ARG A 127 34.66 1.78 16.81
N ASP A 128 35.03 0.59 17.28
CA ASP A 128 36.43 0.26 17.53
C ASP A 128 36.74 -0.95 16.64
N VAL A 129 37.38 -0.71 15.48
CA VAL A 129 37.66 -1.73 14.45
C VAL A 129 38.55 -2.88 14.99
N GLU A 130 39.62 -2.57 15.74
CA GLU A 130 40.55 -3.59 16.28
C GLU A 130 39.82 -4.64 17.11
N SER A 131 38.95 -4.20 18.03
CA SER A 131 38.19 -5.11 18.90
C SER A 131 36.80 -5.51 18.32
N ARG A 132 36.41 -4.98 17.13
CA ARG A 132 35.12 -5.20 16.46
C ARG A 132 33.94 -4.90 17.42
N SER A 133 34.04 -3.74 18.08
CA SER A 133 33.09 -3.28 19.08
C SER A 133 32.43 -1.99 18.65
N ILE A 134 31.23 -1.73 19.20
CA ILE A 134 30.47 -0.51 18.98
C ILE A 134 29.98 -0.06 20.35
N ILE A 135 29.93 1.24 20.59
CA ILE A 135 29.30 1.84 21.76
C ILE A 135 28.27 2.85 21.21
N ASN A 136 27.06 2.90 21.78
CA ASN A 136 26.06 3.83 21.28
C ASN A 136 25.25 4.40 22.42
N SER A 137 24.80 5.64 22.27
CA SER A 137 23.91 6.23 23.26
C SER A 137 22.77 6.93 22.50
N CYS A 138 22.21 6.23 21.47
CA CYS A 138 21.17 6.72 20.58
C CYS A 138 19.93 7.32 21.30
N GLY A 139 19.35 6.54 22.23
CA GLY A 139 18.16 6.97 22.97
C GLY A 139 16.88 6.90 22.17
N PHE A 140 16.69 5.80 21.41
CA PHE A 140 15.48 5.52 20.63
C PHE A 140 15.07 6.66 19.66
N ASN A 141 15.99 7.06 18.79
CA ASN A 141 15.69 8.06 17.76
C ASN A 141 14.88 7.25 16.73
N ASN A 142 13.67 7.69 16.39
CA ASN A 142 12.81 7.01 15.42
C ASN A 142 11.76 8.02 14.95
N MET A 143 11.10 7.77 13.82
CA MET A 143 10.07 8.66 13.25
C MET A 143 8.71 8.57 13.98
N GLY A 144 8.59 7.62 14.91
CA GLY A 144 7.35 7.43 15.65
C GLY A 144 6.52 6.33 15.05
N CYS A 145 5.69 5.71 15.89
CA CYS A 145 4.87 4.59 15.51
C CYS A 145 4.02 4.80 14.26
N ASP A 146 3.36 5.96 14.12
CA ASP A 146 2.49 6.23 13.00
C ASP A 146 3.24 6.26 11.64
N LYS A 147 4.38 6.92 11.56
CA LYS A 147 5.20 6.98 10.34
C LYS A 147 5.85 5.62 10.00
N VAL A 148 6.40 4.93 10.99
CA VAL A 148 7.00 3.59 10.83
C VAL A 148 5.90 2.55 10.39
N THR A 149 4.68 2.64 10.95
CA THR A 149 3.55 1.79 10.52
C THR A 149 3.30 1.98 9.00
N GLU A 150 3.29 3.24 8.50
CA GLU A 150 3.14 3.55 7.07
C GLU A 150 4.21 2.81 6.29
N ASN A 151 5.49 2.89 6.74
CA ASN A 151 6.62 2.21 6.10
C ASN A 151 6.45 0.70 6.04
N LEU A 152 5.98 0.10 7.14
CA LEU A 152 5.75 -1.34 7.18
C LEU A 152 4.59 -1.75 6.27
N ILE A 153 3.49 -0.97 6.24
CA ILE A 153 2.34 -1.24 5.35
C ILE A 153 2.82 -1.28 3.88
N LEU A 154 3.63 -0.29 3.47
CA LEU A 154 4.19 -0.21 2.12
C LEU A 154 4.99 -1.48 1.80
N PHE A 155 5.80 -1.98 2.76
CA PHE A 155 6.56 -3.23 2.58
C PHE A 155 5.62 -4.43 2.43
N ARG A 156 4.56 -4.52 3.28
CA ARG A 156 3.59 -5.62 3.22
C ARG A 156 2.88 -5.70 1.88
N LYS A 157 2.57 -4.53 1.27
CA LYS A 157 1.95 -4.46 -0.06
C LYS A 157 2.94 -4.91 -1.14
N ARG A 158 4.24 -4.55 -1.01
CA ARG A 158 5.29 -4.96 -1.97
C ARG A 158 5.51 -6.47 -1.87
N GLN A 159 5.55 -7.00 -0.63
CA GLN A 159 5.72 -8.44 -0.34
C GLN A 159 4.58 -9.27 -0.95
N GLU A 160 3.35 -8.73 -0.94
CA GLU A 160 2.15 -9.37 -1.50
C GLU A 160 2.24 -9.56 -3.02
N GLU A 161 3.02 -8.72 -3.71
CA GLU A 161 3.23 -8.78 -5.17
C GLU A 161 4.52 -9.52 -5.57
N ASP A 162 5.49 -9.64 -4.63
CA ASP A 162 6.79 -10.26 -4.86
C ASP A 162 6.91 -11.60 -4.12
N LYS A 163 6.96 -12.71 -4.88
CA LYS A 163 7.09 -14.07 -4.38
C LYS A 163 8.43 -14.31 -3.67
N LEU A 164 9.50 -13.58 -4.08
CA LEU A 164 10.84 -13.64 -3.51
C LEU A 164 10.93 -13.20 -2.04
N LEU A 165 9.93 -12.45 -1.54
CA LEU A 165 9.91 -11.97 -0.15
C LEU A 165 8.80 -12.58 0.71
N SER A 166 7.98 -13.47 0.11
CA SER A 166 6.81 -14.10 0.75
C SER A 166 7.10 -14.88 2.05
N LYS A 167 8.32 -15.41 2.24
CA LYS A 167 8.66 -16.19 3.44
C LYS A 167 9.57 -15.44 4.42
N HIS A 168 9.95 -14.19 4.08
CA HIS A 168 10.80 -13.37 4.95
C HIS A 168 9.93 -12.84 6.08
N ILE A 169 10.49 -12.80 7.29
CA ILE A 169 9.80 -12.39 8.51
C ILE A 169 10.19 -10.97 8.93
N VAL A 170 9.22 -10.20 9.44
CA VAL A 170 9.47 -8.86 9.95
C VAL A 170 8.91 -8.77 11.38
N GLY A 171 9.80 -8.53 12.32
CA GLY A 171 9.43 -8.29 13.71
C GLY A 171 9.44 -6.78 13.98
N VAL A 172 8.73 -6.35 15.02
CA VAL A 172 8.70 -4.95 15.43
C VAL A 172 9.08 -4.86 16.90
N SER A 173 10.15 -4.10 17.19
CA SER A 173 10.58 -3.83 18.54
C SER A 173 9.86 -2.58 19.02
N ILE A 174 9.27 -2.65 20.20
CA ILE A 174 8.48 -1.55 20.76
C ILE A 174 9.01 -1.13 22.13
N GLY A 175 8.97 0.18 22.36
CA GLY A 175 9.46 0.78 23.60
C GLY A 175 8.62 1.96 24.04
N LYS A 176 9.22 2.82 24.86
CA LYS A 176 8.48 3.96 25.36
C LYS A 176 9.20 5.26 25.05
N ASN A 177 8.42 6.35 24.92
CA ASN A 177 9.00 7.67 24.75
C ASN A 177 9.67 8.00 26.08
N LYS A 178 10.77 8.77 26.03
CA LYS A 178 11.56 9.18 27.17
C LYS A 178 10.73 9.74 28.36
N ASP A 179 9.77 10.66 28.08
CA ASP A 179 8.98 11.31 29.13
C ASP A 179 7.78 10.51 29.64
N THR A 180 7.41 9.38 28.99
CA THR A 180 6.27 8.55 29.42
C THR A 180 6.51 7.97 30.81
N VAL A 181 5.56 8.15 31.72
CA VAL A 181 5.67 7.62 33.09
C VAL A 181 5.38 6.10 33.08
N ASN A 182 4.28 5.66 32.46
CA ASN A 182 3.92 4.24 32.39
C ASN A 182 4.14 3.64 31.00
N ILE A 183 5.17 2.79 30.91
CA ILE A 183 5.57 2.06 29.70
C ILE A 183 4.38 1.36 28.98
N VAL A 184 3.46 0.73 29.73
CA VAL A 184 2.34 -0.08 29.24
C VAL A 184 1.44 0.74 28.28
N ASP A 185 1.18 2.03 28.62
CA ASP A 185 0.42 2.97 27.77
C ASP A 185 1.06 3.08 26.38
N ASP A 186 2.39 3.22 26.33
CA ASP A 186 3.15 3.31 25.08
C ASP A 186 3.18 2.00 24.30
N LEU A 187 3.34 0.85 25.00
CA LEU A 187 3.35 -0.47 24.36
C LEU A 187 2.00 -0.76 23.71
N LYS A 188 0.90 -0.43 24.42
CA LYS A 188 -0.47 -0.61 23.95
C LYS A 188 -0.75 0.22 22.71
N TYR A 189 -0.32 1.48 22.72
CA TYR A 189 -0.48 2.38 21.58
C TYR A 189 0.21 1.73 20.35
N CYS A 190 1.46 1.27 20.49
CA CYS A 190 2.21 0.64 19.38
C CYS A 190 1.50 -0.63 18.86
N ILE A 191 1.04 -1.51 19.76
CA ILE A 191 0.32 -2.75 19.39
C ILE A 191 -0.92 -2.42 18.55
N ASN A 192 -1.73 -1.45 19.02
CA ASN A 192 -2.94 -1.04 18.33
C ASN A 192 -2.69 -0.44 16.95
N LYS A 193 -1.52 0.14 16.71
CA LYS A 193 -1.22 0.71 15.42
C LYS A 193 -0.49 -0.22 14.47
N ILE A 194 0.60 -0.85 14.92
CA ILE A 194 1.47 -1.67 14.06
C ILE A 194 1.28 -3.23 14.21
N GLY A 195 0.68 -3.70 15.30
CA GLY A 195 0.51 -5.14 15.60
C GLY A 195 -0.01 -6.04 14.49
N ARG A 196 -1.01 -5.55 13.73
CA ARG A 196 -1.66 -6.22 12.59
C ARG A 196 -0.65 -6.60 11.47
N TYR A 197 0.46 -5.85 11.36
CA TYR A 197 1.48 -5.99 10.31
C TYR A 197 2.77 -6.66 10.74
N ALA A 198 2.88 -7.04 12.03
CA ALA A 198 4.10 -7.65 12.56
C ALA A 198 3.97 -9.17 12.66
N ASP A 199 5.08 -9.90 12.41
CA ASP A 199 5.09 -11.35 12.58
C ASP A 199 5.35 -11.67 14.03
N TYR A 200 6.08 -10.76 14.69
CA TYR A 200 6.34 -10.84 16.11
C TYR A 200 6.56 -9.45 16.65
N ILE A 201 6.34 -9.30 17.96
CA ILE A 201 6.53 -8.08 18.70
C ILE A 201 7.62 -8.33 19.72
N ALA A 202 8.65 -7.48 19.72
CA ALA A 202 9.71 -7.61 20.70
C ALA A 202 9.51 -6.50 21.72
N ILE A 203 9.34 -6.89 22.99
CA ILE A 203 9.20 -5.92 24.07
C ILE A 203 10.63 -5.53 24.51
N ASN A 204 10.98 -4.26 24.29
CA ASN A 204 12.29 -3.74 24.65
C ASN A 204 12.28 -3.15 26.09
N VAL A 205 12.74 -3.95 27.06
CA VAL A 205 12.86 -3.48 28.46
C VAL A 205 14.37 -3.48 28.82
N SER A 206 15.25 -3.43 27.79
CA SER A 206 16.67 -3.61 28.02
C SER A 206 17.60 -2.54 27.44
N SER A 207 17.07 -1.48 26.80
CA SER A 207 17.99 -0.43 26.34
C SER A 207 18.71 0.20 27.54
N PRO A 208 20.03 0.48 27.46
CA PRO A 208 20.66 1.20 28.59
C PRO A 208 20.54 2.72 28.42
N ASN A 209 19.95 3.17 27.29
CA ASN A 209 19.97 4.58 26.91
C ASN A 209 18.67 5.36 27.14
N THR A 210 17.68 4.73 27.79
CA THR A 210 16.42 5.37 28.20
C THR A 210 16.38 5.22 29.73
N PRO A 211 16.53 6.35 30.49
CA PRO A 211 16.54 6.26 31.96
C PRO A 211 15.36 5.50 32.58
N GLY A 212 15.68 4.56 33.45
CA GLY A 212 14.71 3.72 34.13
C GLY A 212 14.10 2.57 33.34
N LEU A 213 14.42 2.44 32.02
CA LEU A 213 13.83 1.37 31.18
C LEU A 213 14.12 -0.04 31.72
N ARG A 214 15.39 -0.28 32.11
CA ARG A 214 15.89 -1.56 32.64
C ARG A 214 15.23 -2.00 33.97
N ASP A 215 14.65 -1.04 34.75
CA ASP A 215 13.94 -1.34 36.01
C ASP A 215 12.71 -2.22 35.73
N ASN A 216 12.21 -2.20 34.47
CA ASN A 216 11.06 -2.99 34.01
C ASN A 216 11.34 -4.48 33.90
N GLN A 217 12.62 -4.88 34.08
CA GLN A 217 13.03 -6.28 34.10
C GLN A 217 12.77 -6.92 35.45
N GLU A 218 12.41 -6.11 36.47
CA GLU A 218 12.02 -6.62 37.79
C GLU A 218 10.78 -7.54 37.55
N ALA A 219 10.79 -8.75 38.13
CA ALA A 219 9.78 -9.80 37.96
C ALA A 219 8.32 -9.31 37.94
N GLY A 220 7.90 -8.59 39.00
CA GLY A 220 6.55 -8.05 39.12
C GLY A 220 6.14 -7.13 37.98
N LYS A 221 7.02 -6.18 37.63
CA LYS A 221 6.77 -5.23 36.54
C LYS A 221 6.74 -5.95 35.17
N LEU A 222 7.70 -6.86 34.94
CA LEU A 222 7.79 -7.60 33.69
C LEU A 222 6.53 -8.45 33.43
N LYS A 223 6.00 -9.10 34.47
CA LYS A 223 4.81 -9.96 34.38
C LYS A 223 3.60 -9.14 33.89
N ASN A 224 3.36 -7.97 34.50
CA ASN A 224 2.28 -7.06 34.12
C ASN A 224 2.46 -6.57 32.67
N ILE A 225 3.72 -6.23 32.27
CA ILE A 225 4.05 -5.77 30.92
C ILE A 225 3.69 -6.86 29.89
N ILE A 226 4.18 -8.10 30.10
CA ILE A 226 3.93 -9.22 29.21
C ILE A 226 2.42 -9.50 29.10
N LEU A 227 1.72 -9.63 30.24
CA LEU A 227 0.29 -9.92 30.23
C LEU A 227 -0.51 -8.81 29.54
N SER A 228 -0.13 -7.52 29.73
CA SER A 228 -0.80 -6.37 29.09
C SER A 228 -0.56 -6.35 27.58
N VAL A 229 0.66 -6.67 27.13
CA VAL A 229 1.00 -6.71 25.71
C VAL A 229 0.21 -7.87 25.06
N LYS A 230 0.25 -9.07 25.69
CA LYS A 230 -0.48 -10.25 25.20
C LYS A 230 -1.98 -9.97 25.13
N GLU A 231 -2.52 -9.31 26.16
CA GLU A 231 -3.94 -8.97 26.22
C GLU A 231 -4.31 -7.98 25.10
N GLU A 232 -3.42 -6.99 24.83
CA GLU A 232 -3.63 -6.00 23.77
C GLU A 232 -3.63 -6.64 22.36
N ILE A 233 -2.71 -7.58 22.12
CA ILE A 233 -2.64 -8.34 20.86
C ILE A 233 -3.89 -9.22 20.70
N ASP A 234 -4.28 -9.96 21.77
CA ASP A 234 -5.48 -10.82 21.78
C ASP A 234 -6.74 -10.00 21.54
N ASN A 235 -6.80 -8.73 22.01
CA ASN A 235 -7.95 -7.86 21.80
C ASN A 235 -8.12 -7.36 20.35
N LEU A 236 -7.04 -7.36 19.53
CA LEU A 236 -7.11 -6.96 18.11
C LEU A 236 -8.04 -7.91 17.34
N GLU A 237 -8.02 -9.20 17.70
CA GLU A 237 -8.85 -10.27 17.16
C GLU A 237 -10.27 -10.13 17.67
N LYS A 238 -10.44 -10.00 19.02
CA LYS A 238 -11.73 -9.84 19.70
C LYS A 238 -12.52 -8.62 19.22
N ASN A 239 -11.85 -7.47 18.99
CA ASN A 239 -12.47 -6.24 18.52
C ASN A 239 -12.78 -6.27 17.01
N ASN A 240 -12.00 -7.04 16.22
CA ASN A 240 -12.19 -7.12 14.77
C ASN A 240 -12.29 -8.57 14.28
N PHE A 246 -7.46 -12.40 6.78
CA PHE A 246 -7.71 -11.00 6.45
C PHE A 246 -7.13 -10.04 7.49
N LEU A 247 -7.43 -10.27 8.78
CA LEU A 247 -6.99 -9.40 9.88
C LEU A 247 -5.48 -9.26 9.98
N TRP A 248 -4.72 -10.34 9.75
CA TRP A 248 -3.26 -10.29 9.84
C TRP A 248 -2.59 -10.06 8.50
N PHE A 249 -2.11 -8.83 8.30
CA PHE A 249 -1.41 -8.43 7.08
C PHE A 249 0.11 -8.54 7.32
N ASN A 250 0.57 -9.78 7.48
CA ASN A 250 1.97 -10.10 7.76
C ASN A 250 2.40 -11.38 7.00
N THR A 251 3.52 -12.00 7.40
CA THR A 251 4.01 -13.21 6.72
C THR A 251 3.24 -14.46 7.19
N THR A 252 3.05 -14.60 8.51
CA THR A 252 2.42 -15.78 9.13
C THR A 252 0.92 -15.87 8.93
N LYS A 253 0.23 -14.73 8.71
CA LYS A 253 -1.24 -14.63 8.60
C LYS A 253 -1.88 -15.01 9.96
N LYS A 254 -1.11 -14.83 11.04
CA LYS A 254 -1.49 -15.13 12.42
C LYS A 254 -1.13 -13.96 13.32
N LYS A 255 -1.72 -13.91 14.53
CA LYS A 255 -1.39 -12.85 15.49
C LYS A 255 0.13 -12.86 15.75
N PRO A 256 0.78 -11.69 15.95
CA PRO A 256 2.24 -11.73 16.17
C PRO A 256 2.58 -12.48 17.46
N LEU A 257 3.72 -13.17 17.45
CA LEU A 257 4.25 -13.81 18.65
C LEU A 257 4.83 -12.68 19.53
N VAL A 258 5.07 -12.95 20.80
CA VAL A 258 5.60 -11.95 21.71
C VAL A 258 6.96 -12.42 22.24
N PHE A 259 7.98 -11.58 22.04
CA PHE A 259 9.32 -11.83 22.55
C PHE A 259 9.68 -10.75 23.56
N VAL A 260 10.56 -11.08 24.49
CA VAL A 260 11.13 -10.11 25.43
C VAL A 260 12.64 -9.98 25.11
N LYS A 261 13.17 -8.76 25.03
CA LYS A 261 14.60 -8.58 24.83
C LYS A 261 15.21 -8.21 26.17
N LEU A 262 16.16 -9.01 26.63
CA LEU A 262 16.79 -8.84 27.94
C LEU A 262 18.17 -8.25 27.94
N ALA A 263 18.53 -7.56 29.04
CA ALA A 263 19.85 -6.95 29.23
C ALA A 263 20.79 -7.97 29.85
N PRO A 264 22.08 -8.03 29.47
CA PRO A 264 22.99 -9.00 30.10
C PRO A 264 23.49 -8.55 31.49
N ASP A 265 23.17 -7.31 31.90
CA ASP A 265 23.63 -6.74 33.16
C ASP A 265 22.59 -7.00 34.27
N LEU A 266 22.50 -8.26 34.69
CA LEU A 266 21.55 -8.74 35.71
C LEU A 266 22.27 -9.75 36.58
N ASN A 267 21.89 -9.85 37.87
CA ASN A 267 22.48 -10.86 38.75
C ASN A 267 21.70 -12.19 38.56
N GLN A 268 22.20 -13.29 39.12
CA GLN A 268 21.61 -14.63 39.02
C GLN A 268 20.20 -14.70 39.59
N GLU A 269 19.95 -14.00 40.72
CA GLU A 269 18.66 -13.92 41.39
C GLU A 269 17.61 -13.28 40.45
N GLN A 270 18.02 -12.23 39.71
CA GLN A 270 17.18 -11.52 38.74
C GLN A 270 16.85 -12.41 37.55
N LYS A 271 17.85 -13.11 37.00
CA LYS A 271 17.68 -14.02 35.86
C LYS A 271 16.66 -15.14 36.16
N LYS A 272 16.77 -15.73 37.36
CA LYS A 272 15.91 -16.81 37.86
C LYS A 272 14.45 -16.30 38.01
N GLU A 273 14.27 -15.11 38.62
CA GLU A 273 12.94 -14.49 38.81
C GLU A 273 12.26 -14.20 37.45
N ILE A 274 13.05 -13.71 36.47
CA ILE A 274 12.58 -13.44 35.09
C ILE A 274 12.13 -14.75 34.42
N ALA A 275 12.99 -15.80 34.48
CA ALA A 275 12.71 -17.13 33.92
C ALA A 275 11.35 -17.67 34.43
N ASP A 276 11.07 -17.52 35.74
CA ASP A 276 9.81 -17.98 36.36
C ASP A 276 8.61 -17.21 35.78
N VAL A 277 8.79 -15.92 35.53
CA VAL A 277 7.75 -15.06 34.94
C VAL A 277 7.51 -15.49 33.49
N LEU A 278 8.59 -15.78 32.75
CA LEU A 278 8.50 -16.19 31.34
C LEU A 278 7.74 -17.48 31.17
N LEU A 279 7.96 -18.46 32.07
CA LEU A 279 7.29 -19.76 32.08
C LEU A 279 5.79 -19.58 32.38
N GLU A 280 5.45 -18.77 33.39
CA GLU A 280 4.07 -18.53 33.79
C GLU A 280 3.27 -17.74 32.73
N THR A 281 3.90 -16.72 32.10
CA THR A 281 3.20 -15.86 31.13
C THR A 281 3.20 -16.45 29.72
N ASN A 282 3.94 -17.55 29.51
CA ASN A 282 4.02 -18.24 28.22
C ASN A 282 4.54 -17.31 27.09
N ILE A 283 5.63 -16.57 27.36
CA ILE A 283 6.26 -15.70 26.33
C ILE A 283 6.69 -16.63 25.16
N ASP A 284 6.62 -16.14 23.89
CA ASP A 284 6.96 -16.99 22.72
C ASP A 284 8.45 -17.16 22.48
N GLY A 285 9.24 -16.27 23.05
CA GLY A 285 10.68 -16.30 22.91
C GLY A 285 11.38 -15.20 23.67
N MET A 286 12.68 -15.38 23.89
CA MET A 286 13.49 -14.38 24.58
C MET A 286 14.69 -14.03 23.72
N ILE A 287 14.94 -12.72 23.54
CA ILE A 287 16.08 -12.24 22.76
C ILE A 287 17.20 -12.00 23.75
N ILE A 288 18.25 -12.79 23.63
CA ILE A 288 19.39 -12.74 24.52
C ILE A 288 20.65 -12.42 23.68
N SER A 289 21.21 -11.19 23.78
CA SER A 289 20.78 -10.11 24.67
C SER A 289 20.96 -8.73 24.03
N ASN A 290 20.63 -7.67 24.78
CA ASN A 290 20.89 -6.31 24.37
C ASN A 290 22.37 -5.98 24.72
N THR A 291 22.79 -4.72 24.51
CA THR A 291 24.15 -4.25 24.78
C THR A 291 24.45 -4.26 26.28
N THR A 292 25.71 -4.19 26.62
CA THR A 292 26.20 -4.22 27.98
C THR A 292 26.83 -2.89 28.41
N THR A 293 26.73 -2.60 29.71
CA THR A 293 27.38 -1.44 30.33
C THR A 293 28.60 -1.91 31.15
N GLN A 294 28.92 -3.24 31.09
CA GLN A 294 29.99 -3.89 31.85
C GLN A 294 31.37 -3.78 31.22
N ILE A 295 31.47 -3.39 29.93
CA ILE A 295 32.77 -3.34 29.24
C ILE A 295 33.40 -1.94 29.37
N ASN A 296 34.52 -1.88 30.12
CA ASN A 296 35.26 -0.64 30.43
C ASN A 296 36.76 -0.72 30.05
N ASP A 297 37.12 -1.64 29.12
CA ASP A 297 38.53 -1.82 28.72
C ASP A 297 38.84 -1.43 27.25
N ILE A 298 37.91 -0.76 26.54
CA ILE A 298 38.18 -0.32 25.17
C ILE A 298 38.64 1.15 25.27
N LYS A 299 39.95 1.39 25.01
CA LYS A 299 40.57 2.71 25.13
C LYS A 299 39.82 3.82 24.41
N SER A 300 39.46 3.60 23.14
CA SER A 300 38.75 4.60 22.33
C SER A 300 37.31 4.90 22.81
N PHE A 301 36.80 4.15 23.82
CA PHE A 301 35.45 4.31 24.38
C PHE A 301 35.46 4.90 25.81
N GLU A 302 36.66 5.14 26.39
CA GLU A 302 36.90 5.62 27.77
C GLU A 302 35.98 6.77 28.24
N ASN A 303 35.83 7.84 27.46
CA ASN A 303 34.93 8.92 27.88
C ASN A 303 33.56 8.88 27.15
N LYS A 304 33.17 7.72 26.61
CA LYS A 304 31.89 7.56 25.88
C LYS A 304 30.82 6.90 26.71
N LYS A 305 29.56 7.30 26.50
CA LYS A 305 28.40 6.75 27.23
C LYS A 305 27.65 5.74 26.37
N GLY A 306 26.90 4.86 27.02
CA GLY A 306 26.07 3.88 26.32
C GLY A 306 26.41 2.42 26.52
N GLY A 307 25.80 1.60 25.69
CA GLY A 307 25.93 0.15 25.66
C GLY A 307 26.88 -0.31 24.58
N VAL A 308 27.63 -1.35 24.92
CA VAL A 308 28.62 -1.96 24.04
C VAL A 308 28.07 -3.17 23.30
N SER A 309 28.35 -3.23 21.99
CA SER A 309 28.01 -4.33 21.06
C SER A 309 29.28 -4.94 20.50
N GLY A 310 29.14 -6.09 19.84
CA GLY A 310 30.26 -6.70 19.15
C GLY A 310 30.99 -7.79 19.86
N ALA A 311 32.24 -8.04 19.43
CA ALA A 311 33.07 -9.15 19.90
C ALA A 311 33.28 -9.21 21.43
N LYS A 312 33.41 -8.09 22.12
CA LYS A 312 33.58 -8.06 23.59
C LYS A 312 32.28 -8.46 24.33
N LEU A 313 31.15 -8.54 23.61
CA LEU A 313 29.86 -8.95 24.17
C LEU A 313 29.58 -10.48 23.97
N LYS A 314 30.27 -11.12 23.00
CA LYS A 314 30.02 -12.53 22.69
C LYS A 314 29.99 -13.50 23.91
N ASP A 315 31.08 -13.58 24.70
CA ASP A 315 31.15 -14.50 25.85
C ASP A 315 30.08 -14.25 26.89
N ILE A 316 29.85 -12.97 27.26
CA ILE A 316 28.81 -12.57 28.22
C ILE A 316 27.42 -13.08 27.80
N SER A 317 27.05 -12.83 26.54
CA SER A 317 25.72 -13.17 26.05
C SER A 317 25.56 -14.68 25.83
N THR A 318 26.61 -15.41 25.39
CA THR A 318 26.53 -16.88 25.26
C THR A 318 26.29 -17.49 26.64
N LYS A 319 27.03 -17.03 27.67
CA LYS A 319 26.86 -17.52 29.04
C LYS A 319 25.42 -17.26 29.49
N PHE A 320 24.89 -16.05 29.19
CA PHE A 320 23.52 -15.66 29.53
C PHE A 320 22.47 -16.57 28.81
N ILE A 321 22.73 -16.99 27.54
CA ILE A 321 21.85 -17.94 26.83
C ILE A 321 21.81 -19.28 27.60
N CYS A 322 22.99 -19.83 27.96
CA CYS A 322 23.09 -21.10 28.73
C CYS A 322 22.28 -21.04 30.00
N GLU A 323 22.43 -19.94 30.77
CA GLU A 323 21.73 -19.73 32.04
C GLU A 323 20.23 -19.69 31.87
N MET A 324 19.73 -18.92 30.89
CA MET A 324 18.28 -18.78 30.68
C MET A 324 17.64 -20.02 30.12
N TYR A 325 18.35 -20.72 29.22
CA TYR A 325 17.89 -21.99 28.65
C TYR A 325 17.66 -23.04 29.76
N ASN A 326 18.56 -23.05 30.77
CA ASN A 326 18.41 -23.95 31.91
C ASN A 326 17.37 -23.45 32.94
N TYR A 327 17.36 -22.13 33.23
CA TYR A 327 16.36 -21.53 34.15
C TYR A 327 14.91 -21.69 33.65
N THR A 328 14.71 -21.70 32.32
CA THR A 328 13.39 -21.86 31.72
C THR A 328 13.13 -23.32 31.35
N ASN A 329 14.03 -24.23 31.81
CA ASN A 329 13.93 -25.69 31.62
C ASN A 329 13.70 -26.05 30.15
N LYS A 330 14.36 -25.31 29.24
CA LYS A 330 14.34 -25.48 27.78
C LYS A 330 12.94 -25.23 27.15
N GLN A 331 12.04 -24.60 27.89
CA GLN A 331 10.67 -24.38 27.43
C GLN A 331 10.46 -23.12 26.60
N ILE A 332 11.42 -22.16 26.65
CA ILE A 332 11.29 -20.86 25.96
C ILE A 332 12.31 -20.72 24.84
N PRO A 333 11.86 -20.65 23.57
CA PRO A 333 12.81 -20.48 22.44
C PRO A 333 13.69 -19.23 22.59
N ILE A 334 14.93 -19.32 22.13
CA ILE A 334 15.88 -18.20 22.25
C ILE A 334 16.32 -17.64 20.89
N ILE A 335 16.37 -16.28 20.82
CA ILE A 335 16.90 -15.54 19.70
C ILE A 335 18.25 -15.01 20.20
N ALA A 336 19.34 -15.42 19.56
CA ALA A 336 20.66 -14.99 19.98
C ALA A 336 21.04 -13.64 19.41
N SER A 337 21.62 -12.78 20.25
CA SER A 337 22.16 -11.46 19.85
C SER A 337 23.41 -11.17 20.69
N GLY A 338 24.52 -10.87 20.05
CA GLY A 338 25.72 -10.51 20.78
C GLY A 338 27.01 -11.12 20.28
N GLY A 339 27.74 -10.33 19.50
CA GLY A 339 29.07 -10.68 18.98
C GLY A 339 29.14 -11.84 18.01
N ILE A 340 28.11 -12.04 17.17
CA ILE A 340 28.12 -13.16 16.19
C ILE A 340 28.73 -12.63 14.89
N PHE A 341 29.88 -13.16 14.53
CA PHE A 341 30.58 -12.73 13.30
C PHE A 341 30.84 -13.89 12.35
N SER A 342 30.97 -15.11 12.87
CA SER A 342 31.32 -16.30 12.08
C SER A 342 30.34 -17.45 12.26
N GLY A 343 30.48 -18.47 11.42
CA GLY A 343 29.70 -19.70 11.53
C GLY A 343 29.95 -20.37 12.87
N LEU A 344 31.21 -20.30 13.36
CA LEU A 344 31.65 -20.83 14.66
C LEU A 344 30.91 -20.11 15.80
N ASP A 345 30.83 -18.76 15.75
CA ASP A 345 30.11 -17.98 16.76
C ASP A 345 28.63 -18.37 16.78
N ALA A 346 28.02 -18.53 15.58
CA ALA A 346 26.60 -18.89 15.42
C ALA A 346 26.31 -20.28 16.01
N LEU A 347 27.16 -21.25 15.72
CA LEU A 347 27.01 -22.61 16.24
C LEU A 347 27.10 -22.65 17.77
N GLU A 348 28.02 -21.84 18.35
CA GLU A 348 28.16 -21.72 19.81
C GLU A 348 26.85 -21.20 20.42
N LYS A 349 26.19 -20.21 19.79
CA LYS A 349 24.92 -19.66 20.30
C LYS A 349 23.85 -20.73 20.25
N ILE A 350 23.78 -21.47 19.12
CA ILE A 350 22.80 -22.52 18.87
C ILE A 350 22.96 -23.70 19.88
N GLU A 351 24.20 -24.19 20.08
CA GLU A 351 24.45 -25.28 21.04
C GLU A 351 24.19 -24.83 22.50
N ALA A 352 24.33 -23.53 22.77
CA ALA A 352 24.04 -22.93 24.08
C ALA A 352 22.52 -22.94 24.34
N GLY A 353 21.71 -22.98 23.28
CA GLY A 353 20.26 -23.00 23.41
C GLY A 353 19.46 -22.14 22.44
N ALA A 354 20.13 -21.36 21.58
CA ALA A 354 19.44 -20.49 20.61
C ALA A 354 18.90 -21.22 19.38
N SER A 355 17.71 -20.80 18.91
CA SER A 355 17.06 -21.34 17.72
C SER A 355 17.42 -20.53 16.46
N VAL A 356 17.71 -19.21 16.61
CA VAL A 356 18.02 -18.25 15.54
C VAL A 356 19.02 -17.25 16.07
N CYS A 357 19.72 -16.59 15.14
CA CYS A 357 20.72 -15.57 15.42
C CYS A 357 20.33 -14.25 14.80
N GLN A 358 20.66 -13.16 15.48
CA GLN A 358 20.53 -11.80 14.95
C GLN A 358 21.91 -11.22 14.83
N LEU A 359 22.14 -10.49 13.73
CA LEU A 359 23.42 -9.82 13.49
C LEU A 359 23.24 -8.31 13.51
N TYR A 360 24.27 -7.62 13.96
CA TYR A 360 24.30 -6.17 13.93
C TYR A 360 25.77 -5.79 13.67
N SER A 361 26.64 -5.96 14.67
CA SER A 361 28.07 -5.64 14.53
C SER A 361 28.72 -6.35 13.34
N CYS A 362 28.21 -7.55 12.96
CA CYS A 362 28.71 -8.28 11.80
C CYS A 362 28.54 -7.49 10.50
N LEU A 363 27.35 -6.86 10.28
CA LEU A 363 27.09 -6.02 9.12
C LEU A 363 28.00 -4.81 9.09
N VAL A 364 28.27 -4.20 10.25
CA VAL A 364 29.14 -3.02 10.40
C VAL A 364 30.62 -3.30 10.03
N PHE A 365 31.17 -4.41 10.52
CA PHE A 365 32.58 -4.75 10.31
C PHE A 365 32.85 -5.70 9.13
N ASN A 366 31.93 -6.63 8.81
CA ASN A 366 32.09 -7.55 7.68
C ASN A 366 31.47 -7.02 6.38
N GLY A 367 30.53 -6.09 6.51
CA GLY A 367 29.93 -5.44 5.35
C GLY A 367 28.83 -6.22 4.67
N MET A 368 28.62 -5.89 3.36
CA MET A 368 27.59 -6.47 2.46
C MET A 368 27.59 -8.00 2.44
N LYS A 369 28.79 -8.61 2.47
CA LYS A 369 28.99 -10.07 2.41
C LYS A 369 28.56 -10.85 3.66
N SER A 370 28.24 -10.14 4.78
CA SER A 370 27.87 -10.71 6.09
C SER A 370 27.03 -11.98 6.05
N ALA A 371 25.81 -11.90 5.47
CA ALA A 371 24.86 -13.02 5.41
C ALA A 371 25.34 -14.18 4.55
N VAL A 372 25.79 -13.90 3.31
CA VAL A 372 26.31 -14.90 2.36
C VAL A 372 27.44 -15.72 3.04
N GLN A 373 28.43 -15.01 3.62
CA GLN A 373 29.60 -15.61 4.25
C GLN A 373 29.26 -16.45 5.50
N ILE A 374 28.48 -15.87 6.45
CA ILE A 374 28.12 -16.58 7.68
C ILE A 374 27.27 -17.83 7.39
N LYS A 375 26.35 -17.78 6.37
CA LYS A 375 25.52 -18.93 6.01
C LYS A 375 26.36 -20.09 5.46
N ARG A 376 27.39 -19.75 4.66
CA ARG A 376 28.31 -20.72 4.08
C ARG A 376 29.11 -21.38 5.22
N GLU A 377 29.70 -20.58 6.12
CA GLU A 377 30.50 -21.07 7.25
C GLU A 377 29.69 -22.00 8.19
N LEU A 378 28.42 -21.65 8.46
CA LEU A 378 27.59 -22.49 9.32
C LEU A 378 27.23 -23.83 8.65
N ASN A 379 26.83 -23.83 7.36
CA ASN A 379 26.51 -25.07 6.62
C ASN A 379 27.69 -26.05 6.63
N HIS A 380 28.91 -25.53 6.42
CA HIS A 380 30.13 -26.35 6.41
C HIS A 380 30.36 -26.93 7.82
N LEU A 381 30.25 -26.08 8.85
CA LEU A 381 30.43 -26.46 10.26
C LEU A 381 29.41 -27.51 10.73
N LEU A 382 28.13 -27.38 10.29
CA LEU A 382 27.09 -28.36 10.65
C LEU A 382 27.47 -29.73 10.09
N TYR A 383 28.01 -29.76 8.85
CA TYR A 383 28.47 -30.99 8.21
C TYR A 383 29.66 -31.60 8.94
N GLN A 384 30.71 -30.79 9.23
CA GLN A 384 31.93 -31.21 9.95
C GLN A 384 31.61 -31.77 11.35
N ARG A 385 30.60 -31.20 12.04
CA ARG A 385 30.21 -31.62 13.39
C ARG A 385 29.27 -32.85 13.41
N GLY A 386 28.83 -33.31 12.23
CA GLY A 386 27.97 -34.47 12.10
C GLY A 386 26.49 -34.25 12.37
N TYR A 387 26.00 -33.02 12.17
CA TYR A 387 24.57 -32.72 12.35
C TYR A 387 23.86 -32.92 11.02
N TYR A 388 22.66 -33.51 11.05
CA TYR A 388 21.83 -33.69 9.86
C TYR A 388 21.22 -32.33 9.50
N ASN A 389 20.78 -31.58 10.52
CA ASN A 389 20.21 -30.25 10.36
C ASN A 389 20.49 -29.37 11.57
N LEU A 390 20.25 -28.07 11.43
CA LEU A 390 20.50 -27.10 12.49
C LEU A 390 19.66 -27.41 13.74
N LYS A 391 18.39 -27.83 13.56
CA LYS A 391 17.47 -28.15 14.68
C LYS A 391 18.07 -29.16 15.66
N GLU A 392 18.85 -30.13 15.16
CA GLU A 392 19.53 -31.16 15.95
C GLU A 392 20.60 -30.55 16.89
N ALA A 393 21.16 -29.37 16.52
CA ALA A 393 22.21 -28.70 17.27
C ALA A 393 21.72 -27.83 18.43
N ILE A 394 20.43 -27.41 18.41
CA ILE A 394 19.88 -26.51 19.44
C ILE A 394 20.01 -27.10 20.86
N GLY A 395 20.72 -26.38 21.73
CA GLY A 395 20.91 -26.79 23.13
C GLY A 395 21.80 -28.00 23.36
N ARG A 396 22.55 -28.45 22.34
CA ARG A 396 23.43 -29.63 22.41
C ARG A 396 24.53 -29.56 23.47
N LYS A 397 24.96 -28.35 23.89
CA LYS A 397 25.97 -28.17 24.96
C LYS A 397 25.43 -28.78 26.28
N HIS A 398 24.09 -28.68 26.47
CA HIS A 398 23.35 -29.13 27.64
C HIS A 398 22.92 -30.62 27.57
N SER A 399 23.21 -31.30 26.44
CA SER A 399 22.88 -32.71 26.22
C SER A 399 23.96 -33.63 26.79
N ALA B 17 -43.15 16.23 -8.15
CA ALA B 17 -43.01 14.80 -7.86
C ALA B 17 -43.36 14.50 -6.40
N ASP B 18 -44.33 13.62 -6.18
CA ASP B 18 -44.82 13.23 -4.85
C ASP B 18 -43.77 12.39 -4.09
N PRO B 19 -43.44 12.73 -2.81
CA PRO B 19 -42.40 11.97 -2.09
C PRO B 19 -42.77 10.53 -1.69
N PHE B 20 -44.06 10.17 -1.71
CA PHE B 20 -44.51 8.81 -1.36
C PHE B 20 -44.96 7.98 -2.58
N GLU B 21 -44.47 8.37 -3.78
CA GLU B 21 -44.71 7.67 -5.04
C GLU B 21 -43.49 6.83 -5.39
N SER B 22 -43.69 5.54 -5.73
CA SER B 22 -42.61 4.61 -6.05
C SER B 22 -41.80 5.01 -7.29
N TYR B 23 -42.42 5.73 -8.26
CA TYR B 23 -41.70 6.19 -9.47
C TYR B 23 -40.64 7.30 -9.17
N ASN B 24 -40.72 7.92 -7.98
CA ASN B 24 -39.83 9.00 -7.54
C ASN B 24 -38.50 8.42 -7.00
N PRO B 25 -37.34 8.88 -7.52
CA PRO B 25 -36.05 8.36 -7.00
C PRO B 25 -35.78 8.65 -5.53
N GLU B 26 -36.44 9.70 -4.97
CA GLU B 26 -36.31 10.12 -3.57
C GLU B 26 -37.22 9.34 -2.60
N PHE B 27 -38.03 8.41 -3.12
CA PHE B 27 -38.94 7.56 -2.34
C PHE B 27 -38.12 6.81 -1.27
N PHE B 28 -38.47 7.06 0.01
CA PHE B 28 -37.81 6.55 1.23
C PHE B 28 -37.41 5.07 1.20
N LEU B 29 -38.21 4.24 0.54
CA LEU B 29 -38.01 2.79 0.44
C LEU B 29 -36.70 2.41 -0.25
N TYR B 30 -36.26 3.19 -1.25
CA TYR B 30 -35.02 2.94 -1.97
C TYR B 30 -33.78 3.06 -1.09
N ASP B 31 -33.82 3.98 -0.09
CA ASP B 31 -32.75 4.16 0.89
C ASP B 31 -32.75 3.02 1.90
N ILE B 32 -33.94 2.49 2.24
CA ILE B 32 -34.07 1.35 3.16
C ILE B 32 -33.48 0.09 2.48
N PHE B 33 -33.92 -0.18 1.24
CA PHE B 33 -33.43 -1.31 0.43
C PHE B 33 -31.91 -1.28 0.26
N LEU B 34 -31.34 -0.08 -0.03
CA LEU B 34 -29.90 0.13 -0.23
C LEU B 34 -29.10 -0.06 1.06
N LYS B 35 -29.52 0.58 2.17
CA LYS B 35 -28.90 0.48 3.50
C LYS B 35 -28.77 -1.00 3.93
N PHE B 36 -29.81 -1.81 3.64
CA PHE B 36 -29.83 -3.24 3.93
C PHE B 36 -28.80 -3.99 3.08
N CYS B 37 -28.79 -3.73 1.76
CA CYS B 37 -27.86 -4.34 0.81
C CYS B 37 -26.39 -3.99 1.11
N LEU B 38 -26.14 -2.69 1.45
CA LEU B 38 -24.81 -2.19 1.84
C LEU B 38 -24.30 -2.91 3.09
N LYS B 39 -25.21 -3.23 4.03
CA LYS B 39 -24.86 -3.92 5.28
C LYS B 39 -24.63 -5.43 5.14
N TYR B 40 -25.51 -6.16 4.42
CA TYR B 40 -25.48 -7.63 4.41
C TYR B 40 -25.13 -8.35 3.10
N ILE B 41 -25.13 -7.67 1.96
CA ILE B 41 -24.89 -8.36 0.69
C ILE B 41 -23.54 -7.99 0.06
N ASP B 42 -22.87 -8.98 -0.57
CA ASP B 42 -21.60 -8.79 -1.29
C ASP B 42 -21.76 -7.64 -2.30
N GLY B 43 -20.75 -6.76 -2.35
CA GLY B 43 -20.71 -5.60 -3.22
C GLY B 43 -21.09 -5.83 -4.67
N GLU B 44 -20.43 -6.79 -5.34
CA GLU B 44 -20.70 -7.11 -6.76
C GLU B 44 -22.11 -7.72 -6.97
N ILE B 45 -22.65 -8.48 -5.99
CA ILE B 45 -24.02 -9.02 -6.07
C ILE B 45 -25.04 -7.85 -6.07
N CYS B 46 -24.84 -6.84 -5.17
CA CYS B 46 -25.65 -5.60 -5.11
C CYS B 46 -25.68 -4.93 -6.47
N HIS B 47 -24.47 -4.73 -7.05
CA HIS B 47 -24.29 -4.06 -8.34
C HIS B 47 -25.07 -4.80 -9.44
N ASP B 48 -24.93 -6.14 -9.51
CA ASP B 48 -25.62 -6.97 -10.51
C ASP B 48 -27.13 -7.00 -10.29
N LEU B 49 -27.59 -6.89 -9.03
CA LEU B 49 -29.02 -6.79 -8.69
C LEU B 49 -29.59 -5.46 -9.22
N PHE B 50 -28.85 -4.33 -9.01
CA PHE B 50 -29.24 -3.03 -9.51
C PHE B 50 -29.38 -3.08 -11.05
N LEU B 51 -28.36 -3.67 -11.74
CA LEU B 51 -28.36 -3.80 -13.21
C LEU B 51 -29.55 -4.62 -13.70
N LEU B 52 -29.94 -5.65 -12.93
CA LEU B 52 -31.09 -6.51 -13.25
C LEU B 52 -32.40 -5.70 -13.18
N LEU B 53 -32.57 -4.87 -12.11
CA LEU B 53 -33.73 -3.98 -11.96
C LEU B 53 -33.78 -2.99 -13.14
N GLY B 54 -32.60 -2.50 -13.53
CA GLY B 54 -32.43 -1.59 -14.66
C GLY B 54 -32.83 -2.24 -15.98
N LYS B 55 -32.35 -3.48 -16.20
CA LYS B 55 -32.60 -4.29 -17.39
C LYS B 55 -34.11 -4.51 -17.61
N TYR B 56 -34.86 -4.79 -16.52
CA TYR B 56 -36.30 -5.03 -16.62
C TYR B 56 -37.13 -3.74 -16.48
N ASN B 57 -36.45 -2.57 -16.52
CA ASN B 57 -37.01 -1.21 -16.47
C ASN B 57 -37.96 -0.98 -15.28
N ILE B 58 -37.53 -1.40 -14.08
CA ILE B 58 -38.29 -1.27 -12.82
C ILE B 58 -37.73 -0.15 -11.90
N LEU B 59 -36.73 0.59 -12.38
CA LEU B 59 -36.11 1.66 -11.60
C LEU B 59 -36.99 2.91 -11.53
N PRO B 60 -36.91 3.74 -10.46
CA PRO B 60 -37.66 5.02 -10.45
C PRO B 60 -37.03 5.96 -11.50
N TYR B 61 -37.68 7.09 -11.80
CA TYR B 61 -37.19 8.02 -12.81
C TYR B 61 -37.43 9.49 -12.45
N ASP B 62 -36.51 10.36 -12.87
CA ASP B 62 -36.61 11.81 -12.64
C ASP B 62 -37.62 12.40 -13.62
N THR B 63 -38.58 13.15 -13.09
CA THR B 63 -39.65 13.78 -13.87
C THR B 63 -39.49 15.31 -13.99
N SER B 64 -38.42 15.87 -13.38
CA SER B 64 -38.15 17.30 -13.38
C SER B 64 -37.43 17.78 -14.62
N ASN B 65 -37.70 19.03 -15.03
CA ASN B 65 -36.99 19.66 -16.15
C ASN B 65 -35.73 20.27 -15.56
N ASP B 66 -34.56 19.93 -16.15
CA ASP B 66 -33.27 20.45 -15.69
C ASP B 66 -33.17 21.95 -15.95
N SER B 67 -32.48 22.66 -15.05
CA SER B 67 -32.25 24.11 -15.16
C SER B 67 -31.36 24.42 -16.36
N ILE B 68 -31.76 25.40 -17.18
CA ILE B 68 -30.95 25.83 -18.34
C ILE B 68 -29.61 26.45 -17.89
N TYR B 69 -29.56 26.99 -16.66
CA TYR B 69 -28.37 27.62 -16.09
C TYR B 69 -27.30 26.61 -15.61
N ALA B 70 -27.63 25.31 -15.56
CA ALA B 70 -26.68 24.28 -15.15
C ALA B 70 -26.26 23.40 -16.34
N CYS B 71 -26.65 23.80 -17.57
CA CYS B 71 -26.25 23.08 -18.77
C CYS B 71 -24.75 23.35 -19.03
N THR B 72 -24.08 22.45 -19.75
CA THR B 72 -22.66 22.59 -20.01
C THR B 72 -22.31 21.96 -21.34
N ASN B 73 -21.08 22.18 -21.80
CA ASN B 73 -20.64 21.62 -23.08
C ASN B 73 -19.16 21.34 -23.11
N ILE B 74 -18.77 20.40 -23.98
CA ILE B 74 -17.39 20.07 -24.30
C ILE B 74 -17.42 20.02 -25.80
N LYS B 75 -16.86 21.06 -26.45
CA LYS B 75 -16.89 21.23 -27.90
C LYS B 75 -18.40 21.22 -28.30
N HIS B 76 -18.78 20.37 -29.27
CA HIS B 76 -20.18 20.23 -29.73
C HIS B 76 -21.05 19.31 -28.85
N LEU B 77 -20.46 18.69 -27.80
CA LEU B 77 -21.20 17.84 -26.85
C LEU B 77 -22.02 18.79 -25.93
N ASP B 78 -23.36 18.81 -26.07
CA ASP B 78 -24.25 19.66 -25.26
C ASP B 78 -24.93 18.87 -24.14
N PHE B 79 -24.35 18.95 -22.92
CA PHE B 79 -24.90 18.21 -21.78
C PHE B 79 -26.10 18.96 -21.20
N ILE B 80 -27.25 18.27 -21.05
CA ILE B 80 -28.50 18.88 -20.53
C ILE B 80 -28.36 19.27 -19.05
N ASN B 81 -27.43 18.62 -18.33
CA ASN B 81 -27.13 18.91 -16.91
C ASN B 81 -25.65 18.46 -16.70
N PRO B 82 -24.96 18.85 -15.60
CA PRO B 82 -23.51 18.52 -15.51
C PRO B 82 -23.16 17.18 -14.88
N PHE B 83 -24.13 16.24 -14.77
CA PHE B 83 -23.87 14.95 -14.14
C PHE B 83 -24.13 13.74 -15.01
N GLY B 84 -23.10 12.91 -15.09
CA GLY B 84 -23.16 11.64 -15.78
C GLY B 84 -22.68 10.53 -14.89
N VAL B 85 -22.79 9.30 -15.39
CA VAL B 85 -22.33 8.11 -14.72
C VAL B 85 -20.98 7.71 -15.33
N ALA B 86 -19.97 7.59 -14.46
CA ALA B 86 -18.60 7.20 -14.83
C ALA B 86 -18.54 5.79 -15.43
N ALA B 87 -17.43 5.47 -16.14
CA ALA B 87 -17.20 4.14 -16.72
C ALA B 87 -17.12 3.09 -15.61
N GLY B 88 -17.43 1.87 -15.96
CA GLY B 88 -17.39 0.75 -15.03
C GLY B 88 -18.66 0.52 -14.24
N PHE B 89 -19.72 1.32 -14.51
CA PHE B 89 -20.99 1.14 -13.79
C PHE B 89 -21.87 0.22 -14.63
N ASP B 90 -22.11 0.60 -15.90
CA ASP B 90 -22.79 -0.25 -16.86
C ASP B 90 -21.72 -0.62 -17.89
N LYS B 91 -20.83 -1.55 -17.51
CA LYS B 91 -19.72 -2.04 -18.35
CA LYS B 91 -19.72 -2.04 -18.35
C LYS B 91 -20.19 -2.56 -19.70
N ASN B 92 -21.36 -3.20 -19.75
CA ASN B 92 -21.87 -3.84 -20.95
C ASN B 92 -23.00 -3.12 -21.70
N GLY B 93 -23.37 -1.93 -21.25
CA GLY B 93 -24.45 -1.14 -21.83
C GLY B 93 -25.77 -1.89 -21.82
N VAL B 94 -26.06 -2.63 -20.73
CA VAL B 94 -27.27 -3.46 -20.59
C VAL B 94 -28.50 -2.66 -20.09
N CYS B 95 -28.30 -1.52 -19.40
CA CYS B 95 -29.43 -0.69 -18.95
C CYS B 95 -29.09 0.81 -18.98
N ILE B 96 -28.69 1.27 -20.18
CA ILE B 96 -28.34 2.67 -20.45
C ILE B 96 -29.58 3.56 -20.18
N ASP B 97 -30.75 3.21 -20.76
CA ASP B 97 -32.01 3.95 -20.63
C ASP B 97 -32.41 4.18 -19.18
N SER B 98 -32.44 3.10 -18.36
CA SER B 98 -32.83 3.14 -16.96
C SER B 98 -31.90 3.99 -16.09
N ILE B 99 -30.59 3.91 -16.32
CA ILE B 99 -29.61 4.70 -15.56
C ILE B 99 -29.74 6.18 -15.91
N LEU B 100 -29.83 6.51 -17.21
CA LEU B 100 -30.01 7.89 -17.68
C LEU B 100 -31.29 8.51 -17.12
N LYS B 101 -32.40 7.73 -17.10
CA LYS B 101 -33.70 8.22 -16.63
C LYS B 101 -33.74 8.52 -15.12
N LEU B 102 -32.67 8.15 -14.35
CA LEU B 102 -32.54 8.54 -12.93
C LEU B 102 -32.25 10.07 -12.81
N GLY B 103 -31.87 10.71 -13.91
CA GLY B 103 -31.61 12.15 -13.94
C GLY B 103 -30.25 12.58 -14.45
N PHE B 104 -29.46 11.63 -14.98
CA PHE B 104 -28.12 11.91 -15.51
C PHE B 104 -28.20 12.34 -16.97
N SER B 105 -27.28 13.21 -17.41
CA SER B 105 -27.24 13.73 -18.78
C SER B 105 -26.48 12.80 -19.73
N PHE B 106 -25.58 11.99 -19.17
CA PHE B 106 -24.74 11.08 -19.95
C PHE B 106 -24.26 9.86 -19.14
N ILE B 107 -23.72 8.87 -19.86
CA ILE B 107 -23.12 7.68 -19.30
C ILE B 107 -21.94 7.27 -20.16
N GLU B 108 -20.87 6.80 -19.51
CA GLU B 108 -19.71 6.25 -20.18
C GLU B 108 -19.82 4.72 -19.97
N ILE B 109 -20.13 3.98 -21.05
CA ILE B 109 -20.20 2.50 -20.96
C ILE B 109 -18.79 1.93 -21.07
N GLY B 110 -18.61 0.69 -20.65
CA GLY B 110 -17.32 0.03 -20.62
C GLY B 110 -16.67 0.21 -19.26
N THR B 111 -15.34 0.06 -19.12
CA THR B 111 -14.38 -0.19 -20.20
C THR B 111 -14.60 -1.53 -20.92
N ILE B 112 -14.61 -1.47 -22.25
CA ILE B 112 -14.77 -2.66 -23.07
C ILE B 112 -13.41 -3.05 -23.63
N THR B 113 -13.24 -4.34 -23.95
CA THR B 113 -12.03 -4.90 -24.55
C THR B 113 -12.46 -5.69 -25.80
N PRO B 114 -11.57 -5.94 -26.80
CA PRO B 114 -11.99 -6.68 -28.00
C PRO B 114 -12.67 -8.02 -27.71
N ARG B 115 -12.05 -8.88 -26.89
CA ARG B 115 -12.66 -10.16 -26.50
C ARG B 115 -13.26 -9.94 -25.12
N GLY B 116 -14.26 -10.74 -24.77
CA GLY B 116 -14.82 -10.68 -23.43
C GLY B 116 -13.82 -11.22 -22.42
N GLN B 117 -13.99 -10.87 -21.16
CA GLN B 117 -13.11 -11.29 -20.07
C GLN B 117 -13.94 -11.45 -18.82
N THR B 118 -13.60 -12.44 -17.96
CA THR B 118 -14.32 -12.55 -16.68
C THR B 118 -13.65 -11.70 -15.63
N GLY B 119 -12.42 -11.26 -15.90
CA GLY B 119 -11.65 -10.41 -15.01
C GLY B 119 -10.93 -11.19 -13.92
N ASN B 120 -10.51 -10.47 -12.86
CA ASN B 120 -9.79 -11.06 -11.74
C ASN B 120 -10.70 -11.88 -10.78
N ALA B 121 -10.09 -12.67 -9.89
CA ALA B 121 -10.78 -13.53 -8.93
C ALA B 121 -11.69 -12.77 -7.96
N LYS B 122 -12.90 -13.30 -7.76
CA LYS B 122 -13.91 -12.76 -6.84
C LYS B 122 -13.66 -13.30 -5.41
N PRO B 123 -14.02 -12.59 -4.31
CA PRO B 123 -14.62 -11.24 -4.27
C PRO B 123 -13.58 -10.19 -4.65
N ARG B 124 -13.98 -9.22 -5.50
CA ARG B 124 -13.07 -8.20 -5.99
C ARG B 124 -13.57 -6.77 -5.75
N ILE B 125 -14.78 -6.62 -5.20
CA ILE B 125 -15.38 -5.31 -4.89
C ILE B 125 -15.71 -5.25 -3.40
N PHE B 126 -15.16 -4.25 -2.70
CA PHE B 126 -15.37 -4.06 -1.27
C PHE B 126 -15.61 -2.58 -0.99
N ARG B 127 -16.56 -2.29 -0.10
CA ARG B 127 -16.82 -0.89 0.22
C ARG B 127 -16.98 -0.62 1.70
N ASP B 128 -16.57 0.58 2.13
CA ASP B 128 -16.65 1.05 3.51
C ASP B 128 -17.65 2.20 3.58
N VAL B 129 -18.83 1.96 4.17
CA VAL B 129 -19.94 2.92 4.29
C VAL B 129 -19.53 4.17 5.10
N GLU B 130 -18.87 3.99 6.27
CA GLU B 130 -18.44 5.09 7.13
C GLU B 130 -17.61 6.15 6.38
N SER B 131 -16.60 5.70 5.61
CA SER B 131 -15.73 6.57 4.83
C SER B 131 -16.22 6.81 3.40
N ARG B 132 -17.35 6.16 3.01
CA ARG B 132 -17.98 6.25 1.67
C ARG B 132 -16.95 5.97 0.57
N SER B 133 -16.16 4.91 0.77
CA SER B 133 -15.10 4.54 -0.15
C SER B 133 -15.25 3.13 -0.68
N ILE B 134 -14.78 2.89 -1.93
CA ILE B 134 -14.83 1.57 -2.56
C ILE B 134 -13.41 1.18 -2.99
N ILE B 135 -13.10 -0.12 -2.96
CA ILE B 135 -11.85 -0.67 -3.49
C ILE B 135 -12.28 -1.77 -4.45
N ASN B 136 -11.64 -1.84 -5.61
CA ASN B 136 -11.98 -2.84 -6.61
C ASN B 136 -10.76 -3.31 -7.36
N SER B 137 -10.77 -4.60 -7.76
CA SER B 137 -9.74 -5.22 -8.57
C SER B 137 -10.47 -6.07 -9.62
N CYS B 138 -11.43 -5.44 -10.33
CA CYS B 138 -12.25 -6.11 -11.34
C CYS B 138 -11.43 -6.72 -12.50
N GLY B 139 -10.58 -5.90 -13.13
CA GLY B 139 -9.72 -6.34 -14.23
C GLY B 139 -10.44 -6.44 -15.55
N PHE B 140 -11.25 -5.41 -15.88
CA PHE B 140 -11.98 -5.27 -17.15
C PHE B 140 -12.91 -6.48 -17.47
N ASN B 141 -13.78 -6.85 -16.52
CA ASN B 141 -14.79 -7.90 -16.76
C ASN B 141 -15.87 -7.28 -17.67
N ASN B 142 -16.04 -7.79 -18.88
CA ASN B 142 -17.02 -7.26 -19.84
C ASN B 142 -17.34 -8.36 -20.85
N MET B 143 -18.45 -8.22 -21.59
CA MET B 143 -18.90 -9.21 -22.59
C MET B 143 -18.10 -9.14 -23.91
N GLY B 144 -17.24 -8.14 -24.03
CA GLY B 144 -16.42 -7.97 -25.24
C GLY B 144 -17.04 -6.98 -26.18
N CYS B 145 -16.20 -6.34 -26.98
CA CYS B 145 -16.59 -5.29 -27.90
C CYS B 145 -17.79 -5.63 -28.80
N ASP B 146 -17.81 -6.82 -29.39
CA ASP B 146 -18.86 -7.21 -30.32
C ASP B 146 -20.25 -7.30 -29.66
N LYS B 147 -20.36 -7.92 -28.45
CA LYS B 147 -21.61 -8.03 -27.72
C LYS B 147 -22.08 -6.64 -27.19
N VAL B 148 -21.16 -5.84 -26.61
CA VAL B 148 -21.46 -4.49 -26.11
C VAL B 148 -21.93 -3.57 -27.29
N THR B 149 -21.34 -3.73 -28.50
CA THR B 149 -21.76 -2.95 -29.68
C THR B 149 -23.25 -3.26 -29.98
N GLU B 150 -23.65 -4.54 -30.02
CA GLU B 150 -25.06 -4.92 -30.23
C GLU B 150 -25.98 -4.29 -29.17
N ASN B 151 -25.53 -4.25 -27.90
CA ASN B 151 -26.28 -3.62 -26.82
C ASN B 151 -26.45 -2.11 -27.05
N LEU B 152 -25.39 -1.41 -27.50
CA LEU B 152 -25.42 0.02 -27.79
C LEU B 152 -26.30 0.30 -29.02
N ILE B 153 -26.24 -0.56 -30.06
CA ILE B 153 -27.08 -0.42 -31.27
C ILE B 153 -28.58 -0.44 -30.86
N LEU B 154 -28.96 -1.41 -29.99
CA LEU B 154 -30.34 -1.52 -29.49
C LEU B 154 -30.76 -0.23 -28.80
N PHE B 155 -29.87 0.38 -27.98
CA PHE B 155 -30.16 1.65 -27.32
C PHE B 155 -30.35 2.78 -28.35
N ARG B 156 -29.46 2.86 -29.36
CA ARG B 156 -29.52 3.89 -30.40
C ARG B 156 -30.84 3.84 -31.19
N LYS B 157 -31.36 2.61 -31.44
CA LYS B 157 -32.64 2.41 -32.12
C LYS B 157 -33.81 2.85 -31.21
N ARG B 158 -33.72 2.59 -29.89
CA ARG B 158 -34.74 3.02 -28.92
C ARG B 158 -34.75 4.54 -28.80
N GLN B 159 -33.55 5.16 -28.74
CA GLN B 159 -33.35 6.60 -28.66
C GLN B 159 -33.95 7.32 -29.89
N GLU B 160 -33.85 6.71 -31.07
CA GLU B 160 -34.38 7.21 -32.34
C GLU B 160 -35.92 7.32 -32.33
N GLU B 161 -36.61 6.49 -31.52
CA GLU B 161 -38.06 6.47 -31.39
C GLU B 161 -38.57 7.26 -30.17
N ASP B 162 -37.69 7.50 -29.17
CA ASP B 162 -38.03 8.20 -27.93
C ASP B 162 -37.38 9.59 -27.85
N LYS B 163 -38.22 10.64 -27.91
CA LYS B 163 -37.81 12.04 -27.85
C LYS B 163 -37.18 12.42 -26.50
N LEU B 164 -37.59 11.72 -25.42
CA LEU B 164 -37.10 11.91 -24.04
C LEU B 164 -35.62 11.56 -23.85
N LEU B 165 -35.02 10.79 -24.79
CA LEU B 165 -33.61 10.39 -24.70
C LEU B 165 -32.73 10.99 -25.81
N SER B 166 -33.34 11.79 -26.71
CA SER B 166 -32.69 12.39 -27.88
C SER B 166 -31.45 13.27 -27.59
N LYS B 167 -31.35 13.90 -26.41
CA LYS B 167 -30.22 14.77 -26.05
C LYS B 167 -29.24 14.14 -25.06
N HIS B 168 -29.52 12.91 -24.60
CA HIS B 168 -28.65 12.20 -23.67
C HIS B 168 -27.45 11.69 -24.45
N ILE B 169 -26.28 11.77 -23.84
CA ILE B 169 -24.99 11.41 -24.45
C ILE B 169 -24.50 10.05 -23.95
N VAL B 170 -23.89 9.26 -24.84
CA VAL B 170 -23.31 7.97 -24.49
C VAL B 170 -21.86 7.94 -24.97
N GLY B 171 -20.94 7.81 -24.01
CA GLY B 171 -19.53 7.65 -24.31
C GLY B 171 -19.17 6.18 -24.17
N VAL B 172 -18.06 5.77 -24.81
CA VAL B 172 -17.56 4.39 -24.71
C VAL B 172 -16.10 4.43 -24.27
N SER B 173 -15.82 3.78 -23.13
CA SER B 173 -14.47 3.64 -22.62
C SER B 173 -13.88 2.36 -23.22
N ILE B 174 -12.68 2.47 -23.77
CA ILE B 174 -11.99 1.37 -24.45
C ILE B 174 -10.64 1.07 -23.81
N GLY B 175 -10.32 -0.22 -23.73
CA GLY B 175 -9.09 -0.71 -23.14
C GLY B 175 -8.49 -1.90 -23.86
N LYS B 176 -7.66 -2.65 -23.16
CA LYS B 176 -7.04 -3.80 -23.79
C LYS B 176 -7.30 -5.07 -23.02
N ASN B 177 -7.31 -6.21 -23.75
CA ASN B 177 -7.42 -7.52 -23.11
C ASN B 177 -6.12 -7.72 -22.36
N LYS B 178 -6.17 -8.44 -21.23
CA LYS B 178 -5.04 -8.71 -20.33
C LYS B 178 -3.78 -9.23 -21.07
N ASP B 179 -3.92 -10.22 -21.98
CA ASP B 179 -2.80 -10.84 -22.67
C ASP B 179 -2.27 -10.06 -23.89
N THR B 180 -2.98 -9.02 -24.37
CA THR B 180 -2.55 -8.23 -25.53
C THR B 180 -1.22 -7.52 -25.26
N VAL B 181 -0.25 -7.69 -26.16
CA VAL B 181 1.06 -7.07 -26.03
C VAL B 181 0.96 -5.57 -26.42
N ASN B 182 0.41 -5.24 -27.61
CA ASN B 182 0.26 -3.85 -28.07
C ASN B 182 -1.18 -3.36 -27.93
N ILE B 183 -1.41 -2.47 -26.94
CA ILE B 183 -2.67 -1.81 -26.63
C ILE B 183 -3.38 -1.21 -27.89
N VAL B 184 -2.61 -0.58 -28.81
CA VAL B 184 -3.09 0.11 -30.01
C VAL B 184 -3.94 -0.82 -30.91
N ASP B 185 -3.53 -2.09 -31.05
CA ASP B 185 -4.27 -3.13 -31.78
C ASP B 185 -5.69 -3.29 -31.21
N ASP B 186 -5.80 -3.35 -29.87
CA ASP B 186 -7.07 -3.47 -29.17
C ASP B 186 -7.93 -2.21 -29.26
N LEU B 187 -7.31 -1.02 -29.15
CA LEU B 187 -8.04 0.26 -29.25
C LEU B 187 -8.64 0.42 -30.65
N LYS B 188 -7.85 0.08 -31.69
CA LYS B 188 -8.26 0.14 -33.10
C LYS B 188 -9.41 -0.80 -33.38
N TYR B 189 -9.34 -2.03 -32.85
CA TYR B 189 -10.41 -3.01 -33.02
C TYR B 189 -11.73 -2.41 -32.45
N CYS B 190 -11.68 -1.85 -31.23
CA CYS B 190 -12.88 -1.27 -30.60
C CYS B 190 -13.45 -0.07 -31.40
N ILE B 191 -12.58 0.83 -31.89
CA ILE B 191 -12.97 1.99 -32.70
C ILE B 191 -13.72 1.52 -33.96
N ASN B 192 -13.16 0.54 -34.67
CA ASN B 192 -13.74 0.01 -35.89
C ASN B 192 -15.07 -0.67 -35.69
N LYS B 193 -15.35 -1.18 -34.48
CA LYS B 193 -16.63 -1.83 -34.23
C LYS B 193 -17.68 -0.90 -33.62
N ILE B 194 -17.34 -0.19 -32.53
CA ILE B 194 -18.29 0.63 -31.78
C ILE B 194 -18.24 2.15 -32.04
N GLY B 195 -17.15 2.67 -32.63
CA GLY B 195 -16.95 4.11 -32.86
C GLY B 195 -18.10 4.89 -33.48
N ARG B 196 -18.77 4.29 -34.49
CA ARG B 196 -19.94 4.81 -35.23
C ARG B 196 -21.13 5.16 -34.31
N TYR B 197 -21.25 4.48 -33.16
CA TYR B 197 -22.36 4.60 -32.21
C TYR B 197 -22.04 5.39 -30.94
N ALA B 198 -20.80 5.88 -30.81
CA ALA B 198 -20.35 6.61 -29.63
C ALA B 198 -20.36 8.11 -29.84
N ASP B 199 -20.70 8.88 -28.80
CA ASP B 199 -20.62 10.35 -28.88
C ASP B 199 -19.21 10.79 -28.57
N TYR B 200 -18.54 9.99 -27.75
CA TYR B 200 -17.14 10.17 -27.42
C TYR B 200 -16.52 8.83 -27.09
N ILE B 201 -15.19 8.76 -27.22
CA ILE B 201 -14.39 7.61 -26.92
C ILE B 201 -13.43 8.00 -25.80
N ALA B 202 -13.43 7.22 -24.72
CA ALA B 202 -12.52 7.47 -23.61
C ALA B 202 -11.42 6.42 -23.65
N ILE B 203 -10.16 6.87 -23.80
CA ILE B 203 -9.01 5.98 -23.82
C ILE B 203 -8.63 5.70 -22.37
N ASN B 204 -8.79 4.45 -21.94
CA ASN B 204 -8.45 4.03 -20.59
C ASN B 204 -6.99 3.53 -20.49
N VAL B 205 -6.07 4.41 -20.05
CA VAL B 205 -4.66 4.05 -19.82
C VAL B 205 -4.38 4.16 -18.29
N SER B 206 -5.45 4.10 -17.47
CA SER B 206 -5.32 4.36 -16.04
C SER B 206 -5.86 3.30 -15.08
N SER B 207 -6.40 2.17 -15.59
CA SER B 207 -6.83 1.11 -14.66
C SER B 207 -5.64 0.57 -13.87
N PRO B 208 -5.73 0.49 -12.53
CA PRO B 208 -4.62 -0.13 -11.77
C PRO B 208 -4.69 -1.66 -11.75
N ASN B 209 -5.76 -2.24 -12.34
CA ASN B 209 -6.05 -3.66 -12.28
C ASN B 209 -5.67 -4.49 -13.53
N THR B 210 -5.08 -3.85 -14.54
CA THR B 210 -4.55 -4.53 -15.72
C THR B 210 -3.03 -4.31 -15.66
N PRO B 211 -2.22 -5.37 -15.40
CA PRO B 211 -0.75 -5.17 -15.30
C PRO B 211 -0.13 -4.46 -16.51
N GLY B 212 0.67 -3.44 -16.21
CA GLY B 212 1.37 -2.64 -17.20
C GLY B 212 0.55 -1.59 -17.93
N LEU B 213 -0.79 -1.52 -17.70
CA LEU B 213 -1.65 -0.55 -18.42
C LEU B 213 -1.25 0.92 -18.14
N ARG B 214 -0.93 1.25 -16.88
CA ARG B 214 -0.53 2.58 -16.44
C ARG B 214 0.80 3.07 -17.05
N ASP B 215 1.68 2.14 -17.53
CA ASP B 215 2.95 2.47 -18.21
C ASP B 215 2.68 3.25 -19.50
N ASN B 216 1.45 3.11 -20.06
CA ASN B 216 1.00 3.79 -21.27
C ASN B 216 0.80 5.29 -21.09
N GLN B 217 0.87 5.78 -19.84
CA GLN B 217 0.78 7.20 -19.51
C GLN B 217 2.12 7.91 -19.73
N GLU B 218 3.20 7.15 -20.01
CA GLU B 218 4.50 7.72 -20.36
C GLU B 218 4.27 8.53 -21.65
N ALA B 219 4.80 9.77 -21.68
CA ALA B 219 4.62 10.76 -22.77
C ALA B 219 4.70 10.17 -24.20
N GLY B 220 5.81 9.52 -24.52
CA GLY B 220 6.05 8.91 -25.82
C GLY B 220 4.98 7.90 -26.24
N LYS B 221 4.65 6.97 -25.33
CA LYS B 221 3.62 5.95 -25.57
C LYS B 221 2.23 6.58 -25.71
N LEU B 222 1.88 7.52 -24.81
CA LEU B 222 0.59 8.19 -24.84
C LEU B 222 0.33 8.96 -26.15
N LYS B 223 1.37 9.64 -26.67
CA LYS B 223 1.29 10.40 -27.91
C LYS B 223 0.90 9.49 -29.10
N ASN B 224 1.60 8.36 -29.24
CA ASN B 224 1.33 7.36 -30.28
C ASN B 224 -0.09 6.81 -30.14
N ILE B 225 -0.54 6.51 -28.89
CA ILE B 225 -1.87 5.98 -28.60
C ILE B 225 -2.95 6.97 -29.07
N ILE B 226 -2.82 8.26 -28.66
CA ILE B 226 -3.78 9.29 -29.02
C ILE B 226 -3.84 9.48 -30.54
N LEU B 227 -2.67 9.65 -31.19
CA LEU B 227 -2.61 9.84 -32.63
C LEU B 227 -3.20 8.65 -33.40
N SER B 228 -2.95 7.39 -32.92
CA SER B 228 -3.48 6.17 -33.55
C SER B 228 -5.01 6.09 -33.39
N VAL B 229 -5.54 6.47 -32.21
CA VAL B 229 -6.98 6.46 -31.94
C VAL B 229 -7.66 7.50 -32.85
N LYS B 230 -7.10 8.72 -32.88
CA LYS B 230 -7.61 9.81 -33.72
C LYS B 230 -7.61 9.44 -35.19
N GLU B 231 -6.49 8.83 -35.65
CA GLU B 231 -6.30 8.38 -37.02
C GLU B 231 -7.38 7.35 -37.37
N GLU B 232 -7.61 6.36 -36.47
CA GLU B 232 -8.61 5.29 -36.65
C GLU B 232 -10.06 5.82 -36.74
N ILE B 233 -10.40 6.82 -35.91
CA ILE B 233 -11.72 7.47 -35.96
C ILE B 233 -11.89 8.24 -37.27
N ASP B 234 -10.85 9.03 -37.67
CA ASP B 234 -10.84 9.79 -38.92
C ASP B 234 -10.97 8.87 -40.13
N ASN B 235 -10.42 7.65 -40.07
CA ASN B 235 -10.51 6.67 -41.17
C ASN B 235 -11.90 6.06 -41.35
N LEU B 236 -12.77 6.07 -40.32
CA LEU B 236 -14.15 5.56 -40.42
C LEU B 236 -14.94 6.35 -41.46
N GLU B 237 -14.69 7.67 -41.52
CA GLU B 237 -15.28 8.63 -42.45
C GLU B 237 -14.67 8.41 -43.84
N LYS B 238 -13.32 8.38 -43.92
CA LYS B 238 -12.55 8.19 -45.17
C LYS B 238 -12.90 6.87 -45.89
N ASN B 239 -13.08 5.77 -45.13
CA ASN B 239 -13.43 4.46 -45.68
C ASN B 239 -14.91 4.34 -46.06
N ASN B 240 -15.80 5.10 -45.38
CA ASN B 240 -17.24 5.06 -45.64
C ASN B 240 -17.83 6.44 -45.87
N PHE B 246 -25.85 10.04 -41.74
CA PHE B 246 -26.07 8.60 -41.89
C PHE B 246 -24.99 7.76 -41.19
N LEU B 247 -23.69 8.06 -41.45
CA LEU B 247 -22.56 7.33 -40.89
C LEU B 247 -22.54 7.32 -39.36
N TRP B 248 -22.88 8.45 -38.71
CA TRP B 248 -22.87 8.53 -37.26
C TRP B 248 -24.22 8.25 -36.64
N PHE B 249 -24.37 7.04 -36.07
CA PHE B 249 -25.60 6.61 -35.40
C PHE B 249 -25.44 6.85 -33.89
N ASN B 250 -25.39 8.12 -33.51
CA ASN B 250 -25.20 8.57 -32.14
C ASN B 250 -26.05 9.82 -31.83
N THR B 251 -25.76 10.53 -30.73
CA THR B 251 -26.54 11.73 -30.37
C THR B 251 -26.11 12.96 -31.20
N THR B 252 -24.79 13.16 -31.34
CA THR B 252 -24.21 14.33 -32.01
C THR B 252 -24.34 14.32 -33.53
N LYS B 253 -24.46 13.12 -34.15
CA LYS B 253 -24.48 12.90 -35.62
C LYS B 253 -23.12 13.33 -36.22
N LYS B 254 -22.07 13.28 -35.38
CA LYS B 254 -20.69 13.64 -35.72
C LYS B 254 -19.74 12.56 -35.23
N LYS B 255 -18.50 12.55 -35.75
CA LYS B 255 -17.50 11.60 -35.29
C LYS B 255 -17.29 11.75 -33.78
N PRO B 256 -17.04 10.65 -33.03
CA PRO B 256 -16.89 10.79 -31.57
C PRO B 256 -15.68 11.65 -31.21
N LEU B 257 -15.79 12.42 -30.12
CA LEU B 257 -14.68 13.17 -29.57
C LEU B 257 -13.75 12.14 -28.87
N VAL B 258 -12.52 12.52 -28.56
CA VAL B 258 -11.58 11.62 -27.92
C VAL B 258 -11.15 12.19 -26.58
N PHE B 259 -11.34 11.41 -25.51
CA PHE B 259 -10.91 11.78 -24.17
C PHE B 259 -9.88 10.78 -23.68
N VAL B 260 -9.03 11.21 -22.76
CA VAL B 260 -8.05 10.33 -22.10
C VAL B 260 -8.42 10.28 -20.61
N LYS B 261 -8.45 9.08 -20.01
CA LYS B 261 -8.72 8.98 -18.59
C LYS B 261 -7.38 8.74 -17.88
N LEU B 262 -7.03 9.63 -16.95
CA LEU B 262 -5.74 9.58 -16.26
C LEU B 262 -5.77 9.06 -14.84
N ALA B 263 -4.65 8.47 -14.39
CA ALA B 263 -4.49 7.93 -13.03
C ALA B 263 -3.97 9.06 -12.13
N PRO B 264 -4.42 9.16 -10.86
CA PRO B 264 -3.89 10.22 -9.98
C PRO B 264 -2.51 9.90 -9.40
N ASP B 265 -2.01 8.68 -9.62
CA ASP B 265 -0.73 8.23 -9.08
C ASP B 265 0.41 8.47 -10.07
N LEU B 266 0.77 9.75 -10.20
CA LEU B 266 1.81 10.24 -11.09
C LEU B 266 2.59 11.33 -10.39
N ASN B 267 3.87 11.48 -10.70
CA ASN B 267 4.66 12.57 -10.13
C ASN B 267 4.43 13.84 -10.98
N GLN B 268 4.91 15.01 -10.51
CA GLN B 268 4.74 16.31 -11.19
C GLN B 268 5.37 16.34 -12.57
N GLU B 269 6.56 15.71 -12.72
CA GLU B 269 7.31 15.60 -13.97
C GLU B 269 6.48 14.84 -15.02
N GLN B 270 5.79 13.75 -14.60
CA GLN B 270 4.91 12.94 -15.44
C GLN B 270 3.69 13.72 -15.89
N LYS B 271 3.03 14.45 -14.95
CA LYS B 271 1.84 15.26 -15.24
C LYS B 271 2.12 16.34 -16.29
N LYS B 272 3.27 17.02 -16.16
CA LYS B 272 3.74 18.07 -17.07
C LYS B 272 4.00 17.50 -18.48
N GLU B 273 4.70 16.33 -18.57
CA GLU B 273 4.99 15.65 -19.84
C GLU B 273 3.70 15.23 -20.56
N ILE B 274 2.70 14.73 -19.81
CA ILE B 274 1.37 14.34 -20.31
C ILE B 274 0.65 15.57 -20.88
N ALA B 275 0.60 16.66 -20.10
CA ALA B 275 -0.04 17.92 -20.49
C ALA B 275 0.51 18.43 -21.83
N ASP B 276 1.85 18.34 -22.04
CA ASP B 276 2.50 18.76 -23.30
C ASP B 276 2.04 17.89 -24.47
N VAL B 277 1.86 16.58 -24.23
CA VAL B 277 1.37 15.64 -25.23
C VAL B 277 -0.09 15.96 -25.59
N LEU B 278 -0.91 16.27 -24.56
CA LEU B 278 -2.33 16.57 -24.75
C LEU B 278 -2.55 17.82 -25.60
N LEU B 279 -1.71 18.85 -25.38
CA LEU B 279 -1.75 20.10 -26.15
C LEU B 279 -1.35 19.86 -27.60
N GLU B 280 -0.28 19.08 -27.84
CA GLU B 280 0.22 18.79 -29.18
C GLU B 280 -0.74 17.89 -29.98
N THR B 281 -1.34 16.87 -29.33
CA THR B 281 -2.23 15.93 -30.02
C THR B 281 -3.67 16.42 -30.13
N ASN B 282 -3.98 17.56 -29.49
CA ASN B 282 -5.31 18.17 -29.54
C ASN B 282 -6.42 17.21 -29.03
N ILE B 283 -6.18 16.55 -27.87
CA ILE B 283 -7.18 15.68 -27.23
C ILE B 283 -8.45 16.56 -26.95
N ASP B 284 -9.67 15.99 -27.05
CA ASP B 284 -10.91 16.77 -26.83
C ASP B 284 -11.25 17.02 -25.36
N GLY B 285 -10.67 16.21 -24.50
CA GLY B 285 -10.89 16.31 -23.06
C GLY B 285 -10.10 15.31 -22.26
N MET B 286 -9.97 15.58 -20.98
CA MET B 286 -9.27 14.67 -20.07
C MET B 286 -10.17 14.34 -18.89
N ILE B 287 -10.28 13.04 -18.56
CA ILE B 287 -11.08 12.57 -17.45
C ILE B 287 -10.14 12.46 -16.26
N ILE B 288 -10.37 13.30 -15.26
CA ILE B 288 -9.53 13.37 -14.07
C ILE B 288 -10.42 13.06 -12.86
N SER B 289 -10.28 11.89 -12.20
CA SER B 289 -9.29 10.85 -12.51
C SER B 289 -9.86 9.44 -12.30
N ASN B 290 -9.01 8.41 -12.51
CA ASN B 290 -9.35 7.04 -12.21
C ASN B 290 -9.06 6.82 -10.70
N THR B 291 -9.15 5.59 -10.23
CA THR B 291 -8.91 5.21 -8.84
C THR B 291 -7.43 5.35 -8.47
N THR B 292 -7.14 5.40 -7.16
CA THR B 292 -5.79 5.56 -6.60
C THR B 292 -5.31 4.32 -5.84
N THR B 293 -3.96 4.13 -5.80
CA THR B 293 -3.30 3.04 -5.04
C THR B 293 -2.50 3.64 -3.85
N GLN B 294 -2.61 4.96 -3.63
CA GLN B 294 -1.92 5.76 -2.61
C GLN B 294 -2.57 5.69 -1.23
N ILE B 295 -3.82 5.20 -1.15
CA ILE B 295 -4.55 5.18 0.12
C ILE B 295 -4.22 3.90 0.89
N ASN B 296 -3.61 4.08 2.08
CA ASN B 296 -3.20 2.98 2.97
C ASN B 296 -3.71 3.22 4.42
N ASP B 297 -4.78 4.02 4.57
CA ASP B 297 -5.37 4.33 5.88
C ASP B 297 -6.82 3.81 6.06
N ILE B 298 -7.36 3.06 5.08
CA ILE B 298 -8.70 2.43 5.22
C ILE B 298 -8.39 1.01 5.70
N LYS B 299 -8.73 0.70 6.97
CA LYS B 299 -8.47 -0.59 7.63
C LYS B 299 -8.96 -1.83 6.87
N SER B 300 -10.25 -1.87 6.48
CA SER B 300 -10.81 -3.04 5.79
C SER B 300 -10.26 -3.28 4.37
N PHE B 301 -9.37 -2.38 3.88
CA PHE B 301 -8.82 -2.42 2.52
C PHE B 301 -7.32 -2.81 2.38
N GLU B 302 -6.50 -2.83 3.46
CA GLU B 302 -5.05 -3.10 3.34
C GLU B 302 -4.70 -4.45 2.69
N ASN B 303 -5.36 -5.54 3.09
CA ASN B 303 -5.13 -6.85 2.47
C ASN B 303 -5.86 -6.98 1.13
N LYS B 304 -6.55 -5.90 0.67
CA LYS B 304 -7.31 -5.88 -0.59
C LYS B 304 -6.52 -5.22 -1.70
N LYS B 305 -6.66 -5.76 -2.91
CA LYS B 305 -6.00 -5.28 -4.11
C LYS B 305 -6.90 -4.30 -4.85
N GLY B 306 -6.26 -3.45 -5.67
CA GLY B 306 -6.96 -2.50 -6.51
C GLY B 306 -6.84 -1.03 -6.18
N GLY B 307 -7.68 -0.27 -6.85
CA GLY B 307 -7.77 1.17 -6.71
C GLY B 307 -8.95 1.58 -5.85
N VAL B 308 -8.76 2.67 -5.08
CA VAL B 308 -9.75 3.26 -4.18
C VAL B 308 -10.53 4.40 -4.87
N SER B 309 -11.88 4.35 -4.74
CA SER B 309 -12.85 5.32 -5.24
C SER B 309 -13.54 5.92 -4.01
N GLY B 310 -14.30 7.00 -4.22
CA GLY B 310 -15.08 7.60 -3.15
C GLY B 310 -14.49 8.80 -2.47
N ALA B 311 -15.02 9.12 -1.27
CA ALA B 311 -14.66 10.30 -0.49
C ALA B 311 -13.17 10.46 -0.23
N LYS B 312 -12.45 9.35 -0.02
CA LYS B 312 -11.02 9.34 0.23
C LYS B 312 -10.20 9.75 -0.99
N LEU B 313 -10.83 9.78 -2.19
CA LEU B 313 -10.22 10.17 -3.46
C LEU B 313 -10.48 11.64 -3.84
N LYS B 314 -11.53 12.28 -3.27
CA LYS B 314 -11.91 13.65 -3.61
C LYS B 314 -10.75 14.69 -3.63
N ASP B 315 -10.02 14.88 -2.49
CA ASP B 315 -8.93 15.86 -2.41
C ASP B 315 -7.81 15.61 -3.42
N ILE B 316 -7.37 14.34 -3.57
CA ILE B 316 -6.31 13.94 -4.52
C ILE B 316 -6.70 14.35 -5.96
N SER B 317 -7.91 13.97 -6.36
CA SER B 317 -8.56 14.19 -7.66
C SER B 317 -8.73 15.69 -7.98
N THR B 318 -9.21 16.49 -7.01
CA THR B 318 -9.41 17.95 -7.17
C THR B 318 -8.06 18.63 -7.39
N LYS B 319 -7.05 18.28 -6.56
CA LYS B 319 -5.70 18.83 -6.67
C LYS B 319 -5.15 18.51 -8.09
N PHE B 320 -5.36 17.27 -8.56
CA PHE B 320 -4.92 16.82 -9.88
C PHE B 320 -5.64 17.62 -11.02
N ILE B 321 -6.94 17.99 -10.84
CA ILE B 321 -7.66 18.83 -11.82
C ILE B 321 -6.96 20.20 -11.90
N CYS B 322 -6.70 20.85 -10.74
CA CYS B 322 -6.03 22.16 -10.67
C CYS B 322 -4.69 22.14 -11.41
N GLU B 323 -3.88 21.11 -11.15
CA GLU B 323 -2.56 20.93 -11.75
C GLU B 323 -2.65 20.79 -13.27
N MET B 324 -3.54 19.92 -13.77
CA MET B 324 -3.68 19.68 -15.20
C MET B 324 -4.28 20.85 -15.97
N TYR B 325 -5.24 21.55 -15.35
CA TYR B 325 -5.88 22.74 -15.91
C TYR B 325 -4.81 23.83 -16.14
N ASN B 326 -3.86 23.97 -15.21
CA ASN B 326 -2.76 24.92 -15.33
C ASN B 326 -1.66 24.42 -16.28
N TYR B 327 -1.29 23.11 -16.21
CA TYR B 327 -0.28 22.52 -17.11
C TYR B 327 -0.69 22.57 -18.59
N THR B 328 -2.01 22.48 -18.87
CA THR B 328 -2.56 22.52 -20.23
C THR B 328 -2.99 23.94 -20.59
N ASN B 329 -2.63 24.92 -19.73
CA ASN B 329 -2.91 26.36 -19.93
C ASN B 329 -4.38 26.62 -20.26
N LYS B 330 -5.28 25.85 -19.60
CA LYS B 330 -6.75 25.93 -19.71
C LYS B 330 -7.27 25.59 -21.12
N GLN B 331 -6.44 24.95 -21.95
CA GLN B 331 -6.81 24.62 -23.33
C GLN B 331 -7.54 23.30 -23.50
N ILE B 332 -7.50 22.40 -22.50
CA ILE B 332 -8.11 21.08 -22.57
C ILE B 332 -9.29 20.93 -21.61
N PRO B 333 -10.53 20.76 -22.13
CA PRO B 333 -11.69 20.58 -21.23
C PRO B 333 -11.52 19.39 -20.27
N ILE B 334 -12.06 19.53 -19.05
CA ILE B 334 -11.94 18.47 -18.04
C ILE B 334 -13.28 17.84 -17.64
N ILE B 335 -13.28 16.51 -17.50
CA ILE B 335 -14.40 15.71 -16.99
C ILE B 335 -13.92 15.29 -15.60
N ALA B 336 -14.64 15.73 -14.56
CA ALA B 336 -14.26 15.40 -13.20
C ALA B 336 -14.78 14.04 -12.77
N SER B 337 -13.93 13.26 -12.08
CA SER B 337 -14.28 11.97 -11.48
C SER B 337 -13.47 11.81 -10.19
N GLY B 338 -14.15 11.53 -9.10
CA GLY B 338 -13.46 11.28 -7.84
C GLY B 338 -14.06 11.93 -6.62
N GLY B 339 -14.82 11.14 -5.88
CA GLY B 339 -15.46 11.51 -4.62
C GLY B 339 -16.49 12.62 -4.66
N ILE B 340 -17.28 12.72 -5.75
CA ILE B 340 -18.33 13.76 -5.85
C ILE B 340 -19.61 13.18 -5.29
N PHE B 341 -20.09 13.75 -4.18
CA PHE B 341 -21.31 13.30 -3.50
C PHE B 341 -22.35 14.39 -3.37
N SER B 342 -21.91 15.66 -3.27
CA SER B 342 -22.79 16.81 -3.05
C SER B 342 -22.62 17.91 -4.09
N GLY B 343 -23.53 18.88 -4.06
CA GLY B 343 -23.47 20.08 -4.91
C GLY B 343 -22.17 20.84 -4.64
N LEU B 344 -21.75 20.89 -3.36
CA LEU B 344 -20.51 21.52 -2.89
C LEU B 344 -19.28 20.82 -3.52
N ASP B 345 -19.25 19.48 -3.53
CA ASP B 345 -18.17 18.71 -4.14
C ASP B 345 -18.09 19.02 -5.63
N ALA B 346 -19.26 19.06 -6.32
CA ALA B 346 -19.38 19.33 -7.76
C ALA B 346 -18.85 20.73 -8.11
N LEU B 347 -19.25 21.75 -7.33
CA LEU B 347 -18.79 23.12 -7.55
C LEU B 347 -17.28 23.25 -7.37
N GLU B 348 -16.69 22.54 -6.39
CA GLU B 348 -15.25 22.50 -6.16
C GLU B 348 -14.53 21.97 -7.40
N LYS B 349 -15.06 20.88 -8.02
CA LYS B 349 -14.46 20.30 -9.24
C LYS B 349 -14.51 21.31 -10.38
N ILE B 350 -15.68 21.96 -10.54
CA ILE B 350 -15.93 22.95 -11.60
C ILE B 350 -15.00 24.18 -11.46
N GLU B 351 -14.89 24.76 -10.26
CA GLU B 351 -14.02 25.92 -10.02
C GLU B 351 -12.53 25.56 -10.16
N ALA B 352 -12.19 24.28 -9.95
CA ALA B 352 -10.83 23.75 -10.11
C ALA B 352 -10.49 23.67 -11.61
N GLY B 353 -11.50 23.60 -12.47
CA GLY B 353 -11.29 23.54 -13.92
C GLY B 353 -12.17 22.60 -14.72
N ALA B 354 -13.01 21.80 -14.04
CA ALA B 354 -13.90 20.84 -14.73
C ALA B 354 -15.13 21.48 -15.39
N SER B 355 -15.52 20.96 -16.56
CA SER B 355 -16.70 21.40 -17.31
C SER B 355 -17.93 20.52 -16.99
N VAL B 356 -17.72 19.23 -16.61
CA VAL B 356 -18.74 18.21 -16.28
C VAL B 356 -18.21 17.33 -15.18
N CYS B 357 -19.13 16.62 -14.50
CA CYS B 357 -18.85 15.69 -13.42
C CYS B 357 -19.37 14.31 -13.75
N GLN B 358 -18.65 13.29 -13.31
CA GLN B 358 -19.09 11.90 -13.38
C GLN B 358 -19.24 11.39 -11.98
N LEU B 359 -20.29 10.60 -11.76
CA LEU B 359 -20.56 9.99 -10.47
C LEU B 359 -20.43 8.48 -10.55
N TYR B 360 -20.00 7.88 -9.47
CA TYR B 360 -19.94 6.43 -9.34
C TYR B 360 -20.26 6.12 -7.88
N SER B 361 -19.33 6.42 -6.96
CA SER B 361 -19.51 6.16 -5.52
C SER B 361 -20.79 6.83 -4.98
N CYS B 362 -21.21 7.95 -5.59
CA CYS B 362 -22.44 8.65 -5.19
C CYS B 362 -23.67 7.76 -5.36
N LEU B 363 -23.79 7.03 -6.50
CA LEU B 363 -24.90 6.10 -6.72
C LEU B 363 -24.88 4.96 -5.73
N VAL B 364 -23.69 4.44 -5.42
CA VAL B 364 -23.51 3.32 -4.48
C VAL B 364 -23.97 3.68 -3.05
N PHE B 365 -23.59 4.85 -2.54
CA PHE B 365 -23.89 5.26 -1.17
C PHE B 365 -25.14 6.14 -1.01
N ASN B 366 -25.47 7.00 -2.00
CA ASN B 366 -26.66 7.86 -1.95
C ASN B 366 -27.89 7.22 -2.59
N GLY B 367 -27.66 6.23 -3.46
CA GLY B 367 -28.74 5.49 -4.10
C GLY B 367 -29.41 6.16 -5.27
N MET B 368 -30.67 5.73 -5.52
CA MET B 368 -31.55 6.18 -6.62
C MET B 368 -31.66 7.69 -6.72
N LYS B 369 -31.73 8.38 -5.56
CA LYS B 369 -31.90 9.84 -5.45
C LYS B 369 -30.68 10.68 -5.86
N SER B 370 -29.51 10.03 -6.07
CA SER B 370 -28.22 10.66 -6.42
C SER B 370 -28.30 11.88 -7.35
N ALA B 371 -28.79 11.69 -8.59
CA ALA B 371 -28.88 12.74 -9.61
C ALA B 371 -29.85 13.87 -9.25
N VAL B 372 -31.08 13.53 -8.84
CA VAL B 372 -32.12 14.50 -8.43
C VAL B 372 -31.57 15.42 -7.32
N GLN B 373 -31.00 14.82 -6.27
CA GLN B 373 -30.46 15.52 -5.10
C GLN B 373 -29.26 16.41 -5.44
N ILE B 374 -28.23 15.86 -6.13
CA ILE B 374 -27.03 16.62 -6.47
C ILE B 374 -27.36 17.81 -7.42
N LYS B 375 -28.31 17.64 -8.36
CA LYS B 375 -28.71 18.71 -9.29
C LYS B 375 -29.36 19.87 -8.56
N ARG B 376 -30.19 19.55 -7.55
CA ARG B 376 -30.88 20.54 -6.71
C ARG B 376 -29.84 21.32 -5.90
N GLU B 377 -28.91 20.61 -5.21
CA GLU B 377 -27.85 21.21 -4.38
C GLU B 377 -26.95 22.14 -5.20
N LEU B 378 -26.58 21.74 -6.43
CA LEU B 378 -25.73 22.58 -7.27
C LEU B 378 -26.45 23.86 -7.75
N ASN B 379 -27.71 23.74 -8.21
CA ASN B 379 -28.52 24.92 -8.65
C ASN B 379 -28.63 25.96 -7.55
N HIS B 380 -28.87 25.51 -6.31
CA HIS B 380 -28.99 26.40 -5.14
C HIS B 380 -27.65 27.09 -4.86
N LEU B 381 -26.56 26.30 -4.87
CA LEU B 381 -25.20 26.77 -4.65
C LEU B 381 -24.73 27.78 -5.70
N LEU B 382 -25.10 27.58 -6.99
CA LEU B 382 -24.75 28.50 -8.07
C LEU B 382 -25.42 29.85 -7.85
N TYR B 383 -26.65 29.82 -7.33
CA TYR B 383 -27.39 31.03 -7.00
C TYR B 383 -26.76 31.76 -5.81
N GLN B 384 -26.50 31.04 -4.70
CA GLN B 384 -25.85 31.58 -3.48
C GLN B 384 -24.48 32.20 -3.77
N ARG B 385 -23.70 31.61 -4.70
CA ARG B 385 -22.36 32.08 -5.06
C ARG B 385 -22.35 33.25 -6.07
N GLY B 386 -23.53 33.61 -6.59
CA GLY B 386 -23.69 34.72 -7.53
C GLY B 386 -23.33 34.42 -8.97
N TYR B 387 -23.43 33.14 -9.39
CA TYR B 387 -23.16 32.77 -10.78
C TYR B 387 -24.45 32.84 -11.57
N TYR B 388 -24.40 33.38 -12.81
CA TYR B 388 -25.55 33.43 -13.71
C TYR B 388 -25.79 32.01 -14.26
N ASN B 389 -24.70 31.31 -14.59
CA ASN B 389 -24.75 29.94 -15.10
C ASN B 389 -23.50 29.17 -14.68
N LEU B 390 -23.54 27.84 -14.86
CA LEU B 390 -22.44 26.96 -14.49
C LEU B 390 -21.17 27.31 -15.29
N LYS B 391 -21.31 27.64 -16.60
CA LYS B 391 -20.16 27.98 -17.46
C LYS B 391 -19.26 29.08 -16.87
N GLU B 392 -19.88 30.06 -16.19
CA GLU B 392 -19.19 31.18 -15.53
C GLU B 392 -18.28 30.69 -14.37
N ALA B 393 -18.61 29.52 -13.76
CA ALA B 393 -17.86 28.96 -12.64
C ALA B 393 -16.62 28.14 -13.02
N ILE B 394 -16.53 27.65 -14.27
CA ILE B 394 -15.43 26.79 -14.74
C ILE B 394 -14.07 27.48 -14.55
N GLY B 395 -13.18 26.85 -13.76
CA GLY B 395 -11.83 27.35 -13.51
C GLY B 395 -11.72 28.63 -12.69
N ARG B 396 -12.81 29.05 -12.02
CA ARG B 396 -12.86 30.28 -11.21
C ARG B 396 -11.86 30.34 -10.05
N LYS B 397 -11.39 29.19 -9.53
CA LYS B 397 -10.39 29.14 -8.46
C LYS B 397 -9.07 29.80 -8.96
N HIS B 398 -8.79 29.63 -10.27
CA HIS B 398 -7.61 30.12 -10.98
C HIS B 398 -7.75 31.56 -11.51
N SER B 399 -8.93 32.19 -11.32
CA SER B 399 -9.23 33.56 -11.75
C SER B 399 -8.77 34.58 -10.71
N1 FMN C . 18.48 -3.07 20.25
C2 FMN C . 17.12 -2.92 20.32
O2 FMN C . 16.39 -3.79 20.82
N3 FMN C . 16.53 -1.75 19.84
C4 FMN C . 17.21 -0.65 19.31
O4 FMN C . 16.58 0.35 18.93
C4A FMN C . 18.66 -0.81 19.26
N5 FMN C . 19.38 0.16 18.75
C5A FMN C . 20.74 -0.05 18.60
C6 FMN C . 21.52 0.96 18.00
C7 FMN C . 22.87 0.78 17.74
C7M FMN C . 23.66 1.92 17.11
C8 FMN C . 23.50 -0.44 18.11
C8M FMN C . 24.97 -0.68 17.88
C9 FMN C . 22.73 -1.44 18.72
C9A FMN C . 21.37 -1.26 18.98
N10 FMN C . 20.56 -2.27 19.58
C10 FMN C . 19.21 -2.09 19.74
C1' FMN C . 21.14 -3.55 20.03
C2' FMN C . 21.31 -4.56 18.89
O2' FMN C . 20.04 -4.96 18.37
C3' FMN C . 22.07 -5.81 19.36
O3' FMN C . 21.33 -6.47 20.37
C4' FMN C . 23.49 -5.53 19.87
O4' FMN C . 24.16 -4.63 18.98
C5' FMN C . 24.30 -6.79 20.14
O5' FMN C . 24.51 -7.53 18.92
P FMN C . 25.90 -7.38 18.10
O1P FMN C . 26.04 -5.96 17.55
O2P FMN C . 25.78 -8.38 17.00
O3P FMN C . 26.99 -7.76 19.07
N1 ORO D . 20.70 1.25 22.06
C2 ORO D . 21.00 0.00 22.52
O2 ORO D . 22.16 -0.34 22.74
N3 ORO D . 19.94 -0.82 22.82
C4 ORO D . 18.59 -0.49 22.69
O4 ORO D . 17.73 -1.31 23.02
C5 ORO D . 18.33 0.84 22.21
C6 ORO D . 19.38 1.67 21.93
C7 ORO D . 19.25 3.13 21.76
O71 ORO D . 19.96 3.87 22.40
O72 ORO D . 18.30 3.55 20.95
O JBW E . 28.93 1.86 10.80
C13 JBW E . 27.77 1.52 10.57
N3 JBW E . 26.76 1.61 11.44
C14 JBW E . 26.87 2.24 12.76
C16 JBW E . 26.06 1.71 13.86
C15 JBW E . 27.51 1.47 13.85
C12 JBW E . 27.40 0.92 9.26
C11 JBW E . 26.23 0.39 8.75
C10 JBW E . 26.34 -0.05 7.42
S JBW E . 28.67 0.86 8.08
C9 JBW E . 27.60 0.15 6.90
N2 JBW E . 27.99 -0.12 5.57
C1 JBW E . 28.07 -1.34 4.90
C JBW E . 27.54 -2.61 5.45
C3 JBW E . 28.48 0.86 4.68
C4 JBW E . 28.60 2.24 4.76
C5 JBW E . 29.14 2.91 3.67
C6 JBW E . 29.56 2.20 2.54
C7 JBW E . 29.41 0.81 2.49
C2 JBW E . 28.86 0.14 3.55
N JBW E . 28.58 -1.21 3.70
C8 JBW E . 29.87 0.06 1.35
N1 JBW E . 30.22 -0.56 0.46
N1 FMN F . -13.15 3.41 -14.63
C2 FMN F . -12.99 3.19 -15.97
O2 FMN F . -12.51 4.05 -16.70
N3 FMN F . -13.36 1.96 -16.51
C4 FMN F . -13.87 0.87 -15.81
O4 FMN F . -14.17 -0.17 -16.41
C4A FMN F . -14.01 1.11 -14.37
N5 FMN F . -14.50 0.16 -13.63
C5A FMN F . -14.73 0.43 -12.28
C6 FMN F . -15.33 -0.56 -11.49
C7 FMN F . -15.65 -0.33 -10.15
C7M FMN F . -16.25 -1.45 -9.34
C8 FMN F . -15.39 0.95 -9.59
C8M FMN F . -15.71 1.25 -8.14
C9 FMN F . -14.80 1.93 -10.37
C9A FMN F . -14.46 1.69 -11.71
N10 FMN F . -13.88 2.69 -12.55
C10 FMN F . -13.64 2.44 -13.88
C1' FMN F . -13.54 4.03 -12.02
C2' FMN F . -14.74 4.98 -11.97
O2' FMN F . -15.21 5.27 -13.29
C3' FMN F . -14.39 6.29 -11.27
O3' FMN F . -13.38 6.97 -12.00
C4' FMN F . -13.94 6.14 -9.82
O4' FMN F . -14.81 5.24 -9.13
C5' FMN F . -13.80 7.46 -9.10
O5' FMN F . -15.07 8.13 -8.98
P FMN F . -15.95 8.01 -7.65
O1P FMN F . -16.42 6.58 -7.44
O2P FMN F . -17.11 8.93 -7.87
O3P FMN F . -15.07 8.51 -6.50
N1 ORO G . -11.22 -0.53 -12.10
C2 ORO G . -10.89 0.78 -11.86
O2 ORO G . -10.75 1.22 -10.72
N3 ORO G . -10.60 1.54 -12.98
C4 ORO G . -10.56 1.08 -14.29
O4 ORO G . -10.20 1.84 -15.20
C5 ORO G . -10.91 -0.31 -14.46
C6 ORO G . -11.20 -1.08 -13.37
C7 ORO G . -11.31 -2.55 -13.39
O71 ORO G . -10.71 -3.22 -12.57
O72 ORO G . -12.05 -3.07 -14.32
O JBW H . -22.74 -1.66 -4.45
C13 JBW H . -22.92 -1.30 -5.62
N3 JBW H . -21.95 -1.31 -6.56
C14 JBW H . -20.58 -1.75 -6.30
C16 JBW H . -19.49 -1.03 -6.98
C15 JBW H . -19.69 -0.88 -5.52
C12 JBW H . -24.22 -0.81 -6.07
C11 JBW H . -24.71 -0.36 -7.29
C10 JBW H . -26.08 0.00 -7.26
S JBW H . -25.47 -0.78 -4.87
C9 JBW H . -26.65 -0.18 -6.01
N2 JBW H . -28.00 0.01 -5.69
C1 JBW H . -28.78 1.16 -5.75
C JBW H . -28.26 2.47 -6.25
C3 JBW H . -28.84 -1.01 -5.19
C4 JBW H . -28.65 -2.36 -4.94
C5 JBW H . -29.73 -3.09 -4.45
C6 JBW H . -30.95 -2.48 -4.22
C7 JBW H . -31.12 -1.11 -4.48
C2 JBW H . -30.07 -0.38 -4.97
N JBW H . -30.01 0.96 -5.33
C8 JBW H . -32.37 -0.46 -4.20
N1 JBW H . -33.35 0.09 -3.99
#